data_6K3Q
#
_entry.id   6K3Q
#
_cell.length_a   58.952
_cell.length_b   148.479
_cell.length_c   64.478
_cell.angle_alpha   90.000
_cell.angle_beta   99.310
_cell.angle_gamma   90.000
#
_symmetry.space_group_name_H-M   'P 1 21 1'
#
loop_
_entity.id
_entity.type
_entity.pdbx_description
1 polymer 'Bifunctional cytochrome P450/NADPH--P450 reductase'
2 non-polymer 'PROTOPORPHYRIN IX CONTAINING FE'
3 non-polymer 'DIMETHYL SULFOXIDE'
4 non-polymer '(2S)-2-[[(2S)-1-(3-cyclohexylpropanoyl)pyrrolidin-2-yl]carbonylamino]-3-phenyl-propanoic acid'
5 water water
#
_entity_poly.entity_id   1
_entity_poly.type   'polypeptide(L)'
_entity_poly.pdbx_seq_one_letter_code
;MTIKEMPQPKTFGELKNLPLLNTDKPVQALMKIADELGEIFKFEAPGRVTRYLSSQRLIKEACDESRFDKNLSQALKFVR
DFAGDGLFTSWTHEKNWKKAHNILLPSFSQQAMKGYHAMMVDIAVQLVQKWERLNADEHIEVPEDMTRLTLDTIGLCGFN
YRFNSFYRDQPHPFITSMVRALDEAMNKLQRANPDDPAYDENKRQFQEDIKVMNDLVDKIIADRKASGEQSDDLLTHMLN
GKDPETGEPLDDENIRYQIITFLIAGHETTSGLLSFALYFLVKNPHVLQKAAEEAARVLVDPVPSYKQVKQLKYVGMVLN
EALRLWPTAPAFSLYAKEDTVLGGEYPLEKGDELMVLIPQLHRDKTIWGDDVEEFRPERFENPSAIPQHAFKPFGNGQRA
CIGQQFALHEATLVLGMMLKHFDFEDHTNYELDIKETLTLKPEGFVVKAKSKKIPL
;
_entity_poly.pdbx_strand_id   A,B
#
# COMPACT_ATOMS: atom_id res chain seq x y z
N LYS A 4 43.42 35.69 18.32
CA LYS A 4 43.47 34.26 18.76
C LYS A 4 43.68 33.34 17.56
N GLU A 5 44.49 32.31 17.76
CA GLU A 5 44.52 31.15 16.87
C GLU A 5 43.42 30.18 17.29
N MET A 6 42.66 29.68 16.31
CA MET A 6 41.55 28.82 16.62
C MET A 6 42.03 27.38 16.69
N PRO A 7 41.46 26.55 17.57
CA PRO A 7 41.79 25.12 17.64
C PRO A 7 41.51 24.29 16.38
N GLN A 8 42.22 23.17 16.21
CA GLN A 8 41.98 22.24 15.14
C GLN A 8 41.82 20.85 15.73
N PRO A 9 40.89 19.99 15.25
CA PRO A 9 40.84 18.61 15.74
C PRO A 9 42.07 17.85 15.20
N LYS A 10 42.18 16.58 15.58
CA LYS A 10 43.34 15.75 15.31
C LYS A 10 43.52 15.54 13.81
N THR A 11 44.78 15.43 13.36
CA THR A 11 45.05 15.35 11.95
C THR A 11 45.65 13.98 11.61
N PHE A 12 45.68 13.68 10.31
CA PHE A 12 46.11 12.39 9.80
C PHE A 12 47.10 12.64 8.67
N GLY A 13 48.26 13.19 9.01
CA GLY A 13 49.28 13.52 8.03
C GLY A 13 48.72 14.36 6.89
N GLU A 14 49.04 13.92 5.68
CA GLU A 14 48.79 14.70 4.47
C GLU A 14 47.28 14.79 4.21
N LEU A 15 46.47 13.96 4.89
CA LEU A 15 45.03 13.99 4.68
C LEU A 15 44.37 15.02 5.60
N LYS A 16 45.17 15.69 6.44
CA LYS A 16 44.70 16.68 7.40
C LYS A 16 43.58 16.09 8.26
N ASN A 17 42.40 16.71 8.23
CA ASN A 17 41.26 16.36 9.06
C ASN A 17 40.27 15.45 8.35
N LEU A 18 40.42 15.27 7.03
CA LEU A 18 39.41 14.62 6.19
C LEU A 18 38.94 13.27 6.74
N PRO A 19 39.81 12.35 7.23
CA PRO A 19 39.33 11.07 7.78
C PRO A 19 38.38 11.17 8.97
N LEU A 20 38.25 12.36 9.56
CA LEU A 20 37.24 12.54 10.58
C LEU A 20 35.85 12.38 9.96
N LEU A 21 35.70 12.68 8.68
CA LEU A 21 34.40 12.56 8.04
C LEU A 21 34.12 11.14 7.59
N ASN A 22 35.16 10.30 7.61
CA ASN A 22 35.05 8.91 7.21
C ASN A 22 34.25 8.13 8.25
N THR A 23 32.97 8.47 8.36
CA THR A 23 32.05 7.96 9.37
C THR A 23 30.65 8.07 8.79
N ASP A 24 29.66 7.40 9.39
CA ASP A 24 28.34 7.49 8.80
C ASP A 24 27.48 8.48 9.57
N LYS A 25 28.05 9.05 10.65
CA LYS A 25 27.41 10.08 11.45
C LYS A 25 28.34 11.29 11.56
N PRO A 26 28.69 11.95 10.42
CA PRO A 26 29.65 13.06 10.44
C PRO A 26 29.19 14.30 11.20
N VAL A 27 27.88 14.63 11.13
CA VAL A 27 27.42 15.81 11.83
C VAL A 27 27.58 15.61 13.33
N GLN A 28 27.19 14.42 13.82
CA GLN A 28 27.32 14.10 15.23
C GLN A 28 28.78 14.04 15.67
N ALA A 29 29.65 13.54 14.79
CA ALA A 29 31.09 13.56 15.06
C ALA A 29 31.54 15.02 15.15
N LEU A 30 30.97 15.89 14.31
CA LEU A 30 31.41 17.28 14.30
C LEU A 30 30.92 17.99 15.56
N MET A 31 29.78 17.53 16.10
CA MET A 31 29.16 18.13 17.27
C MET A 31 30.06 17.88 18.48
N LYS A 32 30.71 16.72 18.45
CA LYS A 32 31.53 16.20 19.54
C LYS A 32 32.87 16.92 19.54
N ILE A 33 33.39 17.22 18.36
CA ILE A 33 34.57 18.05 18.20
C ILE A 33 34.27 19.43 18.78
N ALA A 34 33.05 19.93 18.55
CA ALA A 34 32.65 21.22 19.05
C ALA A 34 32.65 21.21 20.58
N ASP A 35 32.14 20.13 21.20
CA ASP A 35 32.10 20.12 22.64
C ASP A 35 33.50 20.19 23.22
N GLU A 36 34.46 19.48 22.59
CA GLU A 36 35.85 19.53 23.02
C GLU A 36 36.50 20.89 22.74
N LEU A 37 36.37 21.43 21.51
CA LEU A 37 37.15 22.59 21.09
C LEU A 37 36.44 23.92 21.34
N GLY A 38 35.11 23.94 21.35
CA GLY A 38 34.40 25.19 21.62
C GLY A 38 33.80 25.83 20.37
N GLU A 39 33.66 27.16 20.40
CA GLU A 39 32.72 27.86 19.54
C GLU A 39 33.26 27.98 18.12
N ILE A 40 34.56 27.72 17.90
CA ILE A 40 35.08 27.78 16.56
C ILE A 40 36.25 26.80 16.41
N PHE A 41 36.30 26.04 15.30
CA PHE A 41 37.51 25.32 14.97
C PHE A 41 37.76 25.31 13.47
N LYS A 42 39.03 25.20 13.11
CA LYS A 42 39.47 25.06 11.74
C LYS A 42 39.39 23.58 11.39
N PHE A 43 39.06 23.28 10.13
CA PHE A 43 38.96 21.92 9.65
C PHE A 43 39.52 21.92 8.24
N GLU A 44 40.61 21.17 8.05
CA GLU A 44 41.34 21.17 6.79
C GLU A 44 41.20 19.81 6.12
N ALA A 45 41.15 19.84 4.79
CA ALA A 45 41.23 18.65 3.96
C ALA A 45 42.22 18.98 2.85
N PRO A 46 42.70 17.99 2.06
CA PRO A 46 43.54 18.31 0.91
C PRO A 46 42.81 19.30 0.00
N GLY A 47 43.40 20.49 -0.11
CA GLY A 47 42.91 21.55 -0.98
C GLY A 47 41.67 22.29 -0.48
N ARG A 48 41.39 22.23 0.83
CA ARG A 48 40.25 22.96 1.38
C ARG A 48 40.45 23.29 2.86
N VAL A 49 39.88 24.43 3.29
CA VAL A 49 39.86 24.81 4.70
C VAL A 49 38.50 25.41 5.04
N THR A 50 37.87 24.90 6.11
CA THR A 50 36.64 25.51 6.57
C THR A 50 36.73 25.80 8.08
N ARG A 51 35.76 26.57 8.60
CA ARG A 51 35.74 26.88 10.01
C ARG A 51 34.32 26.66 10.52
N TYR A 52 34.16 25.80 11.53
CA TYR A 52 32.85 25.41 12.04
C TYR A 52 32.49 26.26 13.25
N LEU A 53 31.33 26.95 13.18
CA LEU A 53 30.89 27.81 14.26
C LEU A 53 29.72 27.16 15.02
N SER A 54 29.75 27.27 16.36
CA SER A 54 28.77 26.64 17.22
C SER A 54 28.17 27.62 18.23
N SER A 55 28.64 28.88 18.27
CA SER A 55 28.16 29.82 19.29
C SER A 55 27.25 30.88 18.66
N GLN A 56 26.21 31.28 19.39
CA GLN A 56 25.34 32.37 18.93
C GLN A 56 26.20 33.65 18.75
N ARG A 57 27.16 33.86 19.67
CA ARG A 57 28.10 34.99 19.61
C ARG A 57 28.67 35.17 18.19
N LEU A 58 29.16 34.10 17.55
CA LEU A 58 29.87 34.22 16.30
C LEU A 58 28.92 34.02 15.12
N ILE A 59 27.96 33.12 15.25
CA ILE A 59 27.02 32.84 14.16
C ILE A 59 26.19 34.09 13.88
N LYS A 60 25.93 34.90 14.92
CA LYS A 60 25.10 36.09 14.66
C LYS A 60 25.85 37.04 13.72
N GLU A 61 27.19 37.04 13.77
CA GLU A 61 27.92 37.90 12.88
C GLU A 61 27.98 37.24 11.51
N ALA A 62 28.01 35.90 11.49
CA ALA A 62 28.17 35.19 10.23
C ALA A 62 26.88 35.33 9.44
N CYS A 63 25.78 35.60 10.15
CA CYS A 63 24.49 35.83 9.51
C CYS A 63 24.34 37.28 9.07
N ASP A 64 25.44 38.03 9.08
CA ASP A 64 25.37 39.38 8.53
C ASP A 64 25.53 39.29 7.02
N GLU A 65 24.44 39.57 6.28
CA GLU A 65 24.39 39.37 4.84
C GLU A 65 25.28 40.36 4.08
N SER A 66 25.69 41.47 4.72
CA SER A 66 26.58 42.39 4.04
C SER A 66 28.03 41.90 4.13
N ARG A 67 28.31 40.88 4.96
CA ARG A 67 29.70 40.45 5.12
C ARG A 67 29.89 39.04 4.59
N PHE A 68 28.78 38.33 4.39
CA PHE A 68 28.79 36.87 4.22
C PHE A 68 27.58 36.50 3.38
N ASP A 69 27.83 35.57 2.44
CA ASP A 69 26.80 35.06 1.54
C ASP A 69 26.80 33.53 1.63
N LYS A 70 25.68 32.90 1.22
CA LYS A 70 25.57 31.45 1.14
C LYS A 70 26.68 30.90 0.27
N ASN A 71 27.31 29.84 0.76
CA ASN A 71 28.30 29.07 0.02
C ASN A 71 27.68 27.71 -0.33
N LEU A 72 28.01 27.18 -1.50
CA LEU A 72 27.72 25.79 -1.81
C LEU A 72 28.84 24.93 -1.20
N SER A 73 28.44 24.16 -0.17
CA SER A 73 29.34 23.22 0.48
C SER A 73 29.58 22.09 -0.50
N GLN A 74 30.61 21.27 -0.23
CA GLN A 74 30.93 20.19 -1.13
C GLN A 74 29.71 19.29 -1.29
N ALA A 75 28.98 19.07 -0.19
CA ALA A 75 27.74 18.32 -0.28
C ALA A 75 26.80 18.96 -1.30
N LEU A 76 26.59 20.27 -1.21
CA LEU A 76 25.64 20.93 -2.09
C LEU A 76 26.16 20.94 -3.53
N LYS A 77 27.47 21.09 -3.71
CA LYS A 77 28.04 21.00 -5.04
C LYS A 77 27.73 19.65 -5.67
N PHE A 78 27.61 18.62 -4.83
CA PHE A 78 27.40 17.27 -5.34
C PHE A 78 25.92 17.06 -5.65
N VAL A 79 25.05 17.72 -4.88
CA VAL A 79 23.62 17.65 -5.12
C VAL A 79 23.28 18.43 -6.39
N ARG A 80 24.10 19.43 -6.71
CA ARG A 80 23.87 20.29 -7.85
C ARG A 80 23.86 19.46 -9.13
N ASP A 81 24.68 18.39 -9.18
CA ASP A 81 24.69 17.49 -10.32
C ASP A 81 23.29 17.01 -10.69
N PHE A 82 22.35 16.91 -9.73
CA PHE A 82 20.99 16.61 -10.16
C PHE A 82 19.97 17.71 -9.81
N ALA A 83 20.27 18.61 -8.88
CA ALA A 83 19.31 19.66 -8.52
C ALA A 83 19.63 20.94 -9.29
N GLY A 84 20.78 20.93 -9.98
CA GLY A 84 21.20 22.01 -10.87
C GLY A 84 21.18 23.39 -10.20
N ASP A 85 20.51 24.33 -10.90
CA ASP A 85 20.39 25.72 -10.47
C ASP A 85 18.98 25.99 -9.96
N GLY A 86 18.33 24.95 -9.42
CA GLY A 86 17.17 25.18 -8.56
C GLY A 86 17.56 26.08 -7.38
N LEU A 87 16.59 26.64 -6.69
CA LEU A 87 16.83 27.63 -5.65
C LEU A 87 17.87 27.15 -4.62
N PHE A 88 17.95 25.84 -4.40
CA PHE A 88 18.66 25.30 -3.24
C PHE A 88 20.16 25.19 -3.53
N THR A 89 20.52 24.88 -4.77
CA THR A 89 21.91 24.59 -5.12
C THR A 89 22.45 25.64 -6.10
N SER A 90 21.79 26.81 -6.14
CA SER A 90 22.27 27.94 -6.94
C SER A 90 23.01 28.97 -6.08
N TRP A 91 23.89 29.73 -6.74
CA TRP A 91 24.59 30.80 -6.05
C TRP A 91 23.71 32.05 -6.13
N THR A 92 23.74 32.88 -5.07
CA THR A 92 22.93 34.07 -4.99
C THR A 92 23.10 34.95 -6.23
N HIS A 93 24.30 34.95 -6.84
CA HIS A 93 24.62 35.82 -7.96
C HIS A 93 24.25 35.15 -9.29
N GLU A 94 23.66 33.95 -9.26
CA GLU A 94 23.17 33.37 -10.49
C GLU A 94 21.80 33.98 -10.79
N LYS A 95 21.59 34.32 -12.07
CA LYS A 95 20.40 35.01 -12.56
C LYS A 95 19.14 34.20 -12.23
N ASN A 96 19.23 32.86 -12.34
CA ASN A 96 18.13 31.97 -12.00
C ASN A 96 17.82 31.94 -10.50
N TRP A 97 18.80 32.28 -9.65
CA TRP A 97 18.47 32.38 -8.23
C TRP A 97 17.35 33.40 -7.99
N LYS A 98 17.63 34.66 -8.32
CA LYS A 98 16.82 35.80 -7.96
C LYS A 98 15.46 35.70 -8.67
N LYS A 99 15.55 35.26 -9.92
CA LYS A 99 14.44 35.17 -10.84
C LYS A 99 13.46 34.13 -10.29
N ALA A 100 13.99 32.93 -10.02
CA ALA A 100 13.18 31.87 -9.45
C ALA A 100 12.65 32.29 -8.09
N HIS A 101 13.46 33.05 -7.34
CA HIS A 101 13.10 33.48 -6.00
C HIS A 101 11.91 34.44 -6.05
N ASN A 102 11.90 35.34 -7.05
CA ASN A 102 10.86 36.36 -7.14
C ASN A 102 9.52 35.71 -7.51
N ILE A 103 9.59 34.69 -8.40
CA ILE A 103 8.40 34.02 -8.90
C ILE A 103 7.80 33.13 -7.80
N LEU A 104 8.64 32.45 -7.02
CA LEU A 104 8.14 31.42 -6.11
C LEU A 104 7.69 31.95 -4.75
N LEU A 105 8.20 33.11 -4.30
CA LEU A 105 7.90 33.59 -2.94
C LEU A 105 6.40 33.64 -2.66
N PRO A 106 5.56 34.14 -3.58
CA PRO A 106 4.12 34.20 -3.28
C PRO A 106 3.44 32.83 -3.27
N SER A 107 4.12 31.81 -3.83
CA SER A 107 3.58 30.45 -3.81
C SER A 107 3.81 29.79 -2.46
N PHE A 108 4.73 30.37 -1.69
CA PHE A 108 5.23 29.78 -0.47
C PHE A 108 4.83 30.63 0.72
N SER A 109 4.07 31.71 0.49
CA SER A 109 3.65 32.55 1.59
C SER A 109 2.74 31.79 2.56
N GLN A 110 2.54 32.38 3.74
CA GLN A 110 1.59 31.86 4.74
C GLN A 110 0.18 31.95 4.17
N GLN A 111 -0.04 32.91 3.27
CA GLN A 111 -1.28 33.10 2.54
C GLN A 111 -1.57 31.90 1.64
N ALA A 112 -0.54 31.47 0.90
CA ALA A 112 -0.66 30.40 -0.08
C ALA A 112 -1.02 29.07 0.59
N MET A 113 -0.83 29.02 1.91
CA MET A 113 -1.04 27.77 2.62
C MET A 113 -2.53 27.41 2.60
N LYS A 114 -3.40 28.40 2.84
CA LYS A 114 -4.85 28.23 2.75
C LYS A 114 -5.23 27.40 1.54
N GLY A 115 -4.65 27.66 0.37
CA GLY A 115 -4.99 26.92 -0.83
C GLY A 115 -4.38 25.51 -0.92
N TYR A 116 -3.21 25.29 -0.32
CA TYR A 116 -2.64 23.95 -0.31
C TYR A 116 -3.33 23.09 0.74
N HIS A 117 -4.12 23.72 1.63
CA HIS A 117 -4.51 23.06 2.87
C HIS A 117 -5.24 21.74 2.60
N ALA A 118 -6.16 21.76 1.64
CA ALA A 118 -7.03 20.61 1.41
C ALA A 118 -6.24 19.41 0.88
N MET A 119 -5.19 19.66 0.10
CA MET A 119 -4.37 18.54 -0.37
C MET A 119 -3.55 17.95 0.78
N MET A 120 -3.17 18.79 1.74
CA MET A 120 -2.41 18.32 2.89
C MET A 120 -3.31 17.41 3.72
N VAL A 121 -4.56 17.81 3.89
CA VAL A 121 -5.56 17.07 4.63
C VAL A 121 -5.76 15.70 3.98
N ASP A 122 -5.78 15.67 2.64
CA ASP A 122 -5.99 14.47 1.85
C ASP A 122 -4.95 13.43 2.25
N ILE A 123 -3.67 13.81 2.24
CA ILE A 123 -2.61 12.88 2.59
C ILE A 123 -2.65 12.58 4.11
N ALA A 124 -3.10 13.54 4.93
CA ALA A 124 -2.98 13.38 6.39
C ALA A 124 -4.00 12.34 6.87
N VAL A 125 -5.18 12.36 6.23
CA VAL A 125 -6.26 11.41 6.49
C VAL A 125 -5.84 10.01 6.01
N GLN A 126 -5.12 9.90 4.91
CA GLN A 126 -4.52 8.62 4.53
C GLN A 126 -3.68 8.06 5.66
N LEU A 127 -2.87 8.92 6.30
CA LEU A 127 -2.03 8.48 7.40
C LEU A 127 -2.88 8.02 8.59
N VAL A 128 -3.89 8.81 8.97
CA VAL A 128 -4.74 8.48 10.10
C VAL A 128 -5.45 7.14 9.82
N GLN A 129 -5.93 6.96 8.58
CA GLN A 129 -6.63 5.75 8.17
C GLN A 129 -5.69 4.54 8.16
N LYS A 130 -4.45 4.74 7.72
CA LYS A 130 -3.54 3.61 7.85
C LYS A 130 -3.52 3.12 9.30
N TRP A 131 -3.27 4.06 10.23
CA TRP A 131 -3.04 3.74 11.63
C TRP A 131 -4.31 3.19 12.28
N GLU A 132 -5.49 3.72 11.90
CA GLU A 132 -6.76 3.19 12.40
C GLU A 132 -6.95 1.73 11.98
N ARG A 133 -6.36 1.33 10.87
CA ARG A 133 -6.62 0.02 10.30
C ARG A 133 -5.57 -1.00 10.74
N LEU A 134 -4.67 -0.62 11.65
CA LEU A 134 -3.65 -1.57 12.08
C LEU A 134 -4.29 -2.55 13.04
N ASN A 135 -3.75 -3.78 13.11
CA ASN A 135 -4.28 -4.76 14.05
C ASN A 135 -3.64 -4.59 15.43
N ALA A 136 -4.28 -5.19 16.45
CA ALA A 136 -3.89 -5.01 17.83
C ALA A 136 -2.42 -5.37 18.02
N ASP A 137 -1.94 -6.40 17.32
CA ASP A 137 -0.55 -6.80 17.52
C ASP A 137 0.48 -5.81 16.97
N GLU A 138 0.08 -4.88 16.09
CA GLU A 138 1.03 -4.23 15.17
C GLU A 138 1.56 -2.90 15.71
N HIS A 139 2.76 -2.54 15.25
CA HIS A 139 3.37 -1.26 15.55
C HIS A 139 3.52 -0.40 14.30
N ILE A 140 3.95 0.84 14.53
CA ILE A 140 4.17 1.84 13.51
C ILE A 140 5.67 2.04 13.32
N GLU A 141 6.10 2.06 12.06
CA GLU A 141 7.46 2.43 11.75
C GLU A 141 7.46 3.93 11.45
N VAL A 142 7.88 4.72 12.44
CA VAL A 142 7.64 6.16 12.44
C VAL A 142 8.28 6.88 11.24
N PRO A 143 9.61 6.98 11.04
CA PRO A 143 10.11 7.81 9.96
C PRO A 143 9.65 7.31 8.59
N GLU A 144 9.38 5.99 8.50
CA GLU A 144 8.91 5.41 7.25
C GLU A 144 7.54 5.98 6.94
N ASP A 145 6.66 6.05 7.92
CA ASP A 145 5.34 6.58 7.61
C ASP A 145 5.37 8.09 7.41
N MET A 146 6.22 8.83 8.15
CA MET A 146 6.26 10.28 8.03
C MET A 146 6.79 10.70 6.65
N THR A 147 7.67 9.88 6.09
CA THR A 147 8.27 10.13 4.81
C THR A 147 7.26 9.85 3.71
N ARG A 148 6.41 8.83 3.91
CA ARG A 148 5.31 8.53 3.01
C ARG A 148 4.41 9.76 2.96
N LEU A 149 4.07 10.29 4.14
CA LEU A 149 3.21 11.46 4.21
C LEU A 149 3.84 12.66 3.47
N THR A 150 5.07 13.05 3.83
CA THR A 150 5.62 14.33 3.39
C THR A 150 5.92 14.32 1.89
N LEU A 151 6.47 13.22 1.41
CA LEU A 151 6.66 13.04 -0.01
C LEU A 151 5.36 13.13 -0.81
N ASP A 152 4.31 12.43 -0.37
CA ASP A 152 3.02 12.48 -1.04
C ASP A 152 2.50 13.91 -1.04
N THR A 153 2.62 14.58 0.12
CA THR A 153 2.09 15.95 0.26
C THR A 153 2.75 16.89 -0.76
N ILE A 154 4.07 16.81 -0.97
CA ILE A 154 4.70 17.76 -1.87
C ILE A 154 4.40 17.36 -3.30
N GLY A 155 4.30 16.05 -3.56
CA GLY A 155 3.86 15.57 -4.87
C GLY A 155 2.53 16.22 -5.25
N LEU A 156 1.59 16.25 -4.32
CA LEU A 156 0.25 16.68 -4.64
C LEU A 156 0.19 18.20 -4.78
N CYS A 157 0.73 18.94 -3.80
CA CYS A 157 0.68 20.40 -3.84
C CYS A 157 1.71 20.93 -4.83
N GLY A 158 2.70 20.10 -5.16
CA GLY A 158 3.77 20.54 -6.03
C GLY A 158 3.30 20.54 -7.48
N PHE A 159 2.70 19.44 -7.91
CA PHE A 159 2.28 19.32 -9.29
C PHE A 159 1.19 18.27 -9.46
N ASN A 160 0.42 18.03 -8.39
CA ASN A 160 -0.82 17.28 -8.53
C ASN A 160 -0.50 15.87 -9.01
N TYR A 161 0.63 15.33 -8.53
CA TYR A 161 0.98 13.96 -8.80
C TYR A 161 0.81 13.14 -7.52
N ARG A 162 0.18 11.96 -7.62
CA ARG A 162 0.05 11.07 -6.47
C ARG A 162 1.13 9.99 -6.53
N PHE A 163 2.12 10.08 -5.63
CA PHE A 163 3.08 8.99 -5.43
C PHE A 163 2.42 7.77 -4.79
N ASN A 164 1.26 7.96 -4.15
CA ASN A 164 0.54 6.80 -3.62
C ASN A 164 1.43 5.96 -2.67
N SER A 165 2.11 6.62 -1.72
CA SER A 165 3.15 5.96 -0.95
C SER A 165 2.53 5.00 0.07
N PHE A 166 1.28 5.27 0.45
CA PHE A 166 0.60 4.44 1.42
C PHE A 166 0.04 3.18 0.77
N TYR A 167 0.10 3.08 -0.57
CA TYR A 167 -0.29 1.87 -1.26
C TYR A 167 0.92 0.99 -1.57
N ARG A 168 2.09 1.31 -1.04
CA ARG A 168 3.30 0.68 -1.54
C ARG A 168 4.18 0.22 -0.37
N ASP A 169 4.96 -0.84 -0.62
CA ASP A 169 5.97 -1.33 0.30
C ASP A 169 7.32 -0.76 -0.11
N GLN A 170 7.56 -0.67 -1.42
CA GLN A 170 8.80 -0.15 -1.98
C GLN A 170 8.53 1.17 -2.69
N PRO A 171 9.55 2.06 -2.77
CA PRO A 171 9.31 3.44 -3.18
C PRO A 171 9.11 3.54 -4.69
N HIS A 172 8.41 4.60 -5.10
CA HIS A 172 8.25 4.95 -6.51
C HIS A 172 9.61 4.87 -7.20
N PRO A 173 9.67 4.49 -8.50
CA PRO A 173 10.92 4.53 -9.28
C PRO A 173 11.71 5.84 -9.17
N PHE A 174 10.99 6.95 -9.01
CA PHE A 174 11.64 8.24 -8.97
C PHE A 174 12.48 8.37 -7.71
N ILE A 175 11.92 7.89 -6.59
CA ILE A 175 12.44 8.07 -5.24
C ILE A 175 13.67 7.19 -5.06
N THR A 176 13.62 5.97 -5.64
CA THR A 176 14.70 5.03 -5.41
C THR A 176 15.94 5.64 -6.03
N SER A 177 15.75 6.23 -7.23
CA SER A 177 16.79 7.01 -7.88
C SER A 177 17.19 8.22 -7.02
N MET A 178 16.21 9.06 -6.66
CA MET A 178 16.48 10.26 -5.90
C MET A 178 17.27 9.96 -4.61
N VAL A 179 16.75 9.02 -3.79
CA VAL A 179 17.38 8.60 -2.54
C VAL A 179 18.78 8.08 -2.81
N ARG A 180 18.93 7.32 -3.90
CA ARG A 180 20.22 6.70 -4.19
C ARG A 180 21.22 7.74 -4.68
N ALA A 181 20.73 8.83 -5.28
CA ALA A 181 21.59 9.89 -5.77
C ALA A 181 22.11 10.74 -4.61
N LEU A 182 21.19 11.09 -3.68
CA LEU A 182 21.54 11.81 -2.46
C LEU A 182 22.56 10.99 -1.68
N ASP A 183 22.34 9.68 -1.68
CA ASP A 183 23.23 8.73 -1.04
C ASP A 183 24.64 8.88 -1.63
N GLU A 184 24.74 8.87 -2.97
CA GLU A 184 26.03 8.95 -3.63
C GLU A 184 26.71 10.30 -3.36
N ALA A 185 25.90 11.35 -3.30
CA ALA A 185 26.41 12.71 -3.14
C ALA A 185 27.08 12.85 -1.77
N MET A 186 26.51 12.18 -0.76
N MET A 186 26.50 12.20 -0.75
CA MET A 186 27.04 12.31 0.59
CA MET A 186 27.01 12.28 0.60
C MET A 186 28.25 11.40 0.78
C MET A 186 28.27 11.41 0.73
N ASN A 187 28.26 10.24 0.10
CA ASN A 187 29.34 9.28 0.27
C ASN A 187 30.63 9.76 -0.37
N LYS A 188 30.49 10.53 -1.47
CA LYS A 188 31.62 11.15 -2.14
C LYS A 188 32.39 12.05 -1.18
N LEU A 189 31.71 12.61 -0.16
CA LEU A 189 32.35 13.53 0.76
C LEU A 189 33.63 12.94 1.36
N GLN A 190 33.65 11.61 1.50
CA GLN A 190 34.66 10.95 2.33
C GLN A 190 35.86 10.50 1.50
N ARG A 191 35.64 10.27 0.19
CA ARG A 191 36.63 9.62 -0.68
C ARG A 191 37.84 10.52 -0.91
N ALA A 192 38.97 10.13 -0.30
CA ALA A 192 40.25 10.80 -0.52
C ALA A 192 40.68 10.68 -1.99
N ASN A 193 40.41 9.53 -2.61
CA ASN A 193 40.77 9.31 -4.01
C ASN A 193 39.54 8.83 -4.77
N PRO A 194 38.73 9.75 -5.35
CA PRO A 194 37.79 9.40 -6.41
C PRO A 194 38.58 9.32 -7.71
N ASP A 195 37.88 8.94 -8.79
CA ASP A 195 38.52 8.63 -10.06
C ASP A 195 39.31 7.32 -9.93
N ASP A 196 39.57 6.90 -8.68
CA ASP A 196 40.04 5.55 -8.40
C ASP A 196 39.00 4.56 -8.90
N PRO A 197 39.42 3.46 -9.58
CA PRO A 197 38.48 2.56 -10.25
C PRO A 197 37.39 1.92 -9.37
N ALA A 198 37.66 1.80 -8.06
CA ALA A 198 36.73 1.23 -7.09
C ALA A 198 35.41 2.01 -7.01
N TYR A 199 35.32 3.15 -7.72
CA TYR A 199 34.14 4.02 -7.69
C TYR A 199 33.47 4.10 -9.06
N ASP A 200 33.93 3.29 -10.02
CA ASP A 200 33.44 3.32 -11.39
C ASP A 200 31.97 2.88 -11.49
N GLU A 201 31.55 2.01 -10.58
CA GLU A 201 30.17 1.53 -10.58
C GLU A 201 29.28 2.63 -10.03
N ASN A 202 29.77 3.28 -8.96
CA ASN A 202 29.08 4.37 -8.29
C ASN A 202 28.70 5.46 -9.30
N LYS A 203 29.65 5.80 -10.18
CA LYS A 203 29.51 6.89 -11.14
C LYS A 203 28.49 6.53 -12.22
N ARG A 204 28.61 5.31 -12.74
CA ARG A 204 27.70 4.79 -13.75
C ARG A 204 26.28 4.81 -13.19
N GLN A 205 26.16 4.41 -11.91
CA GLN A 205 24.87 4.33 -11.25
C GLN A 205 24.25 5.73 -11.18
N PHE A 206 25.04 6.68 -10.69
CA PHE A 206 24.66 8.08 -10.50
C PHE A 206 24.03 8.62 -11.79
N GLN A 207 24.71 8.36 -12.92
CA GLN A 207 24.29 8.87 -14.21
C GLN A 207 22.92 8.28 -14.58
N GLU A 208 22.73 7.00 -14.26
CA GLU A 208 21.45 6.34 -14.52
C GLU A 208 20.36 6.98 -13.66
N ASP A 209 20.74 7.41 -12.44
CA ASP A 209 19.81 7.95 -11.47
C ASP A 209 19.37 9.35 -11.88
N ILE A 210 20.35 10.20 -12.24
CA ILE A 210 20.06 11.54 -12.73
C ILE A 210 19.07 11.44 -13.90
N LYS A 211 19.40 10.56 -14.86
CA LYS A 211 18.61 10.27 -16.05
C LYS A 211 17.16 9.95 -15.68
N VAL A 212 16.96 9.02 -14.74
CA VAL A 212 15.64 8.59 -14.33
C VAL A 212 14.83 9.77 -13.79
N MET A 213 15.48 10.61 -12.97
CA MET A 213 14.82 11.71 -12.30
C MET A 213 14.39 12.76 -13.34
N ASN A 214 15.31 13.06 -14.27
CA ASN A 214 15.09 14.02 -15.34
C ASN A 214 13.90 13.62 -16.22
N ASP A 215 13.90 12.37 -16.71
CA ASP A 215 12.87 11.89 -17.61
C ASP A 215 11.48 12.10 -17.01
N LEU A 216 11.25 11.62 -15.78
CA LEU A 216 9.90 11.65 -15.23
C LEU A 216 9.44 13.09 -15.01
N VAL A 217 10.35 13.95 -14.51
CA VAL A 217 10.02 15.35 -14.26
C VAL A 217 9.83 16.05 -15.60
N ASP A 218 10.71 15.81 -16.57
CA ASP A 218 10.53 16.52 -17.85
C ASP A 218 9.21 16.11 -18.50
N LYS A 219 8.79 14.86 -18.28
CA LYS A 219 7.57 14.30 -18.84
C LYS A 219 6.35 14.93 -18.17
N ILE A 220 6.46 15.18 -16.86
CA ILE A 220 5.42 15.83 -16.08
C ILE A 220 5.17 17.25 -16.60
N ILE A 221 6.25 18.03 -16.76
CA ILE A 221 6.15 19.38 -17.29
C ILE A 221 5.56 19.35 -18.71
N ALA A 222 6.06 18.41 -19.53
CA ALA A 222 5.53 18.22 -20.88
C ALA A 222 4.04 17.92 -20.83
N ASP A 223 3.63 16.90 -20.04
CA ASP A 223 2.23 16.50 -20.03
C ASP A 223 1.35 17.64 -19.53
N ARG A 224 1.88 18.46 -18.63
CA ARG A 224 1.04 19.53 -18.08
C ARG A 224 0.81 20.62 -19.13
N LYS A 225 1.87 21.07 -19.81
CA LYS A 225 1.70 22.04 -20.88
C LYS A 225 0.71 21.52 -21.94
N ALA A 226 0.95 20.29 -22.42
CA ALA A 226 0.16 19.70 -23.49
C ALA A 226 -1.31 19.55 -23.08
N SER A 227 -1.59 19.50 -21.76
CA SER A 227 -2.96 19.35 -21.30
C SER A 227 -3.63 20.72 -21.16
N GLY A 228 -2.86 21.70 -20.66
CA GLY A 228 -3.33 23.08 -20.53
C GLY A 228 -4.11 23.37 -19.26
N GLU A 229 -4.26 22.38 -18.36
CA GLU A 229 -5.08 22.53 -17.17
C GLU A 229 -4.36 23.41 -16.15
N GLN A 230 -5.14 24.20 -15.40
CA GLN A 230 -4.60 25.19 -14.47
C GLN A 230 -4.89 24.75 -13.05
N SER A 231 -4.25 23.67 -12.60
CA SER A 231 -4.38 23.25 -11.21
C SER A 231 -3.63 24.24 -10.31
N ASP A 232 -4.13 24.44 -9.09
CA ASP A 232 -3.51 25.35 -8.15
C ASP A 232 -2.34 24.64 -7.45
N ASP A 233 -1.25 24.45 -8.19
CA ASP A 233 -0.04 23.85 -7.67
C ASP A 233 1.19 24.64 -8.12
N LEU A 234 2.35 24.27 -7.58
CA LEU A 234 3.55 25.06 -7.85
C LEU A 234 3.86 25.06 -9.35
N LEU A 235 3.51 23.97 -10.05
CA LEU A 235 3.91 23.83 -11.43
C LEU A 235 3.17 24.83 -12.32
N THR A 236 1.87 25.04 -12.07
CA THR A 236 1.17 26.08 -12.81
C THR A 236 1.74 27.46 -12.48
N HIS A 237 2.02 27.71 -11.19
CA HIS A 237 2.55 29.01 -10.78
C HIS A 237 3.83 29.30 -11.55
N MET A 238 4.64 28.25 -11.78
CA MET A 238 5.93 28.34 -12.48
C MET A 238 5.76 28.46 -14.00
N LEU A 239 4.73 27.82 -14.55
CA LEU A 239 4.53 27.81 -16.00
C LEU A 239 3.95 29.15 -16.48
N ASN A 240 3.17 29.82 -15.62
CA ASN A 240 2.52 31.08 -15.91
C ASN A 240 3.34 32.28 -15.43
N GLY A 241 4.11 32.10 -14.36
CA GLY A 241 4.69 33.21 -13.61
C GLY A 241 5.73 34.01 -14.39
N LYS A 242 5.82 35.31 -14.09
CA LYS A 242 6.84 36.19 -14.64
C LYS A 242 7.58 36.89 -13.51
N ASP A 243 8.92 36.88 -13.55
CA ASP A 243 9.71 37.62 -12.57
C ASP A 243 9.44 39.11 -12.73
N PRO A 244 8.95 39.82 -11.68
CA PRO A 244 8.65 41.26 -11.78
C PRO A 244 9.84 42.10 -12.23
N GLU A 245 11.05 41.61 -11.93
CA GLU A 245 12.29 42.34 -12.09
C GLU A 245 12.74 42.28 -13.56
N THR A 246 13.09 41.08 -14.02
CA THR A 246 13.49 40.90 -15.41
C THR A 246 12.30 40.85 -16.37
N GLY A 247 11.09 40.55 -15.87
CA GLY A 247 9.92 40.33 -16.71
C GLY A 247 9.91 38.95 -17.37
N GLU A 248 10.97 38.14 -17.17
CA GLU A 248 11.08 36.82 -17.79
C GLU A 248 10.47 35.71 -16.93
N PRO A 249 9.91 34.63 -17.56
CA PRO A 249 9.50 33.42 -16.84
C PRO A 249 10.68 32.46 -16.68
N LEU A 250 10.50 31.42 -15.85
CA LEU A 250 11.46 30.34 -15.73
C LEU A 250 11.38 29.47 -16.98
N ASP A 251 12.53 28.93 -17.40
CA ASP A 251 12.54 28.00 -18.51
C ASP A 251 12.24 26.57 -18.01
N ASP A 252 12.01 25.65 -18.96
CA ASP A 252 11.52 24.32 -18.66
C ASP A 252 12.55 23.54 -17.85
N GLU A 253 13.82 23.71 -18.21
CA GLU A 253 14.94 23.09 -17.51
C GLU A 253 15.03 23.54 -16.05
N ASN A 254 14.95 24.86 -15.79
CA ASN A 254 14.98 25.34 -14.42
C ASN A 254 13.79 24.81 -13.63
N ILE A 255 12.60 24.78 -14.27
CA ILE A 255 11.39 24.30 -13.61
C ILE A 255 11.58 22.85 -13.16
N ARG A 256 12.17 22.05 -14.05
CA ARG A 256 12.61 20.72 -13.67
C ARG A 256 13.45 20.76 -12.40
N TYR A 257 14.46 21.65 -12.36
CA TYR A 257 15.33 21.71 -11.20
C TYR A 257 14.55 22.08 -9.94
N GLN A 258 13.55 22.98 -10.08
CA GLN A 258 12.78 23.39 -8.91
C GLN A 258 12.00 22.18 -8.37
N ILE A 259 11.40 21.41 -9.29
CA ILE A 259 10.54 20.32 -8.85
C ILE A 259 11.39 19.26 -8.15
N ILE A 260 12.55 18.94 -8.73
CA ILE A 260 13.45 17.98 -8.09
C ILE A 260 13.84 18.46 -6.68
N THR A 261 14.13 19.77 -6.57
CA THR A 261 14.50 20.37 -5.30
C THR A 261 13.41 20.20 -4.24
N PHE A 262 12.15 20.47 -4.62
CA PHE A 262 11.05 20.40 -3.67
C PHE A 262 10.81 18.95 -3.25
N LEU A 263 10.96 18.01 -4.20
CA LEU A 263 10.91 16.60 -3.89
C LEU A 263 12.02 16.17 -2.92
N ILE A 264 13.26 16.67 -3.09
CA ILE A 264 14.28 16.45 -2.08
C ILE A 264 13.80 16.95 -0.71
N ALA A 265 13.45 18.26 -0.63
CA ALA A 265 12.99 18.87 0.60
C ALA A 265 11.89 18.03 1.25
N GLY A 266 10.83 17.70 0.50
CA GLY A 266 9.64 17.10 1.06
C GLY A 266 9.89 15.70 1.64
N HIS A 267 10.75 14.94 0.96
CA HIS A 267 11.22 13.65 1.42
C HIS A 267 12.00 13.77 2.72
N GLU A 268 13.13 14.47 2.67
CA GLU A 268 14.19 14.39 3.67
C GLU A 268 13.86 15.14 4.96
N THR A 269 13.48 16.42 4.82
CA THR A 269 13.55 17.28 5.98
C THR A 269 12.27 17.25 6.80
N THR A 270 11.09 17.40 6.16
CA THR A 270 9.87 17.53 6.96
C THR A 270 9.57 16.23 7.70
N SER A 271 9.87 15.08 7.07
CA SER A 271 9.64 13.81 7.73
C SER A 271 10.46 13.67 9.00
N GLY A 272 11.71 14.17 8.97
CA GLY A 272 12.60 14.16 10.12
C GLY A 272 12.01 14.93 11.31
N LEU A 273 11.64 16.19 11.05
CA LEU A 273 10.94 17.01 12.03
C LEU A 273 9.85 16.19 12.73
N LEU A 274 8.94 15.58 11.96
CA LEU A 274 7.79 14.88 12.52
C LEU A 274 8.20 13.64 13.31
N SER A 275 9.18 12.90 12.79
CA SER A 275 9.79 11.81 13.53
C SER A 275 10.40 12.27 14.87
N PHE A 276 11.23 13.33 14.86
CA PHE A 276 11.85 13.75 16.11
C PHE A 276 10.81 14.28 17.08
N ALA A 277 9.81 15.00 16.53
CA ALA A 277 8.75 15.48 17.40
C ALA A 277 8.06 14.32 18.13
N LEU A 278 7.68 13.27 17.38
CA LEU A 278 6.95 12.21 18.06
C LEU A 278 7.84 11.51 19.08
N TYR A 279 9.12 11.36 18.73
CA TYR A 279 10.11 10.82 19.65
C TYR A 279 10.12 11.65 20.94
N PHE A 280 10.36 12.95 20.83
CA PHE A 280 10.33 13.79 22.02
C PHE A 280 9.02 13.64 22.79
N LEU A 281 7.88 13.60 22.10
CA LEU A 281 6.62 13.49 22.82
C LEU A 281 6.47 12.20 23.65
N VAL A 282 6.87 11.04 23.10
CA VAL A 282 6.71 9.80 23.83
C VAL A 282 7.77 9.67 24.93
N LYS A 283 8.89 10.37 24.79
CA LYS A 283 9.87 10.40 25.88
C LYS A 283 9.54 11.49 26.91
N ASN A 284 8.52 12.31 26.66
CA ASN A 284 8.14 13.33 27.63
C ASN A 284 6.63 13.35 27.82
N PRO A 285 6.05 12.35 28.53
CA PRO A 285 4.61 12.16 28.64
C PRO A 285 3.79 13.36 29.10
N HIS A 286 4.34 14.20 29.98
CA HIS A 286 3.60 15.38 30.46
C HIS A 286 3.46 16.36 29.30
N VAL A 287 4.48 16.40 28.44
CA VAL A 287 4.47 17.31 27.30
C VAL A 287 3.48 16.81 26.25
N LEU A 288 3.52 15.49 25.94
CA LEU A 288 2.60 14.81 25.01
C LEU A 288 1.13 15.05 25.42
N GLN A 289 0.88 15.00 26.72
CA GLN A 289 -0.45 15.12 27.27
C GLN A 289 -0.97 16.55 27.07
N LYS A 290 -0.05 17.52 27.21
CA LYS A 290 -0.38 18.94 27.10
C LYS A 290 -0.72 19.25 25.65
N ALA A 291 0.05 18.68 24.73
CA ALA A 291 -0.17 18.82 23.30
C ALA A 291 -1.47 18.11 22.90
N ALA A 292 -1.76 16.99 23.56
CA ALA A 292 -2.92 16.18 23.23
C ALA A 292 -4.20 16.91 23.66
N GLU A 293 -4.11 17.60 24.80
CA GLU A 293 -5.21 18.38 25.35
C GLU A 293 -5.51 19.56 24.43
N GLU A 294 -4.47 20.22 23.90
CA GLU A 294 -4.64 21.29 22.96
C GLU A 294 -5.38 20.78 21.71
N ALA A 295 -4.87 19.68 21.13
CA ALA A 295 -5.45 19.08 19.93
C ALA A 295 -6.95 18.78 20.10
N ALA A 296 -7.36 18.23 21.26
CA ALA A 296 -8.75 17.82 21.45
C ALA A 296 -9.64 19.07 21.55
N ARG A 297 -9.14 20.09 22.26
CA ARG A 297 -9.79 21.39 22.36
C ARG A 297 -9.94 22.09 21.00
N VAL A 298 -8.92 22.08 20.14
CA VAL A 298 -8.91 22.93 18.94
C VAL A 298 -9.56 22.23 17.74
N LEU A 299 -9.30 20.92 17.58
CA LEU A 299 -9.70 20.17 16.40
C LEU A 299 -11.07 19.53 16.62
N VAL A 300 -12.10 20.38 16.73
CA VAL A 300 -13.47 20.01 17.04
C VAL A 300 -14.19 19.36 15.84
N ASP A 301 -13.67 19.51 14.62
CA ASP A 301 -14.37 19.10 13.40
C ASP A 301 -13.83 17.78 12.86
N PRO A 302 -14.60 17.08 11.99
CA PRO A 302 -14.16 15.80 11.42
C PRO A 302 -12.79 15.93 10.76
N VAL A 303 -12.57 17.07 10.09
CA VAL A 303 -11.27 17.35 9.52
C VAL A 303 -10.86 18.78 9.85
N PRO A 304 -9.56 19.02 10.08
CA PRO A 304 -9.07 20.33 10.53
C PRO A 304 -9.19 21.38 9.42
N SER A 305 -9.64 22.59 9.81
CA SER A 305 -9.55 23.75 8.94
C SER A 305 -8.15 24.37 9.02
N TYR A 306 -7.82 25.14 7.97
CA TYR A 306 -6.67 26.02 7.94
C TYR A 306 -6.54 26.85 9.23
N LYS A 307 -7.62 27.53 9.64
CA LYS A 307 -7.62 28.38 10.82
C LYS A 307 -7.45 27.57 12.12
N GLN A 308 -8.05 26.36 12.19
CA GLN A 308 -7.82 25.53 13.36
C GLN A 308 -6.32 25.21 13.51
N VAL A 309 -5.62 25.07 12.37
CA VAL A 309 -4.22 24.65 12.45
C VAL A 309 -3.39 25.80 13.02
N LYS A 310 -3.75 27.03 12.65
CA LYS A 310 -3.07 28.23 13.13
C LYS A 310 -3.26 28.38 14.63
N GLN A 311 -4.24 27.66 15.20
CA GLN A 311 -4.59 27.79 16.61
C GLN A 311 -3.84 26.79 17.48
N LEU A 312 -3.18 25.82 16.85
CA LEU A 312 -2.42 24.81 17.56
C LEU A 312 -1.07 25.38 18.01
N LYS A 313 -1.11 26.24 19.04
CA LYS A 313 0.07 26.99 19.43
C LYS A 313 1.10 26.09 20.12
N TYR A 314 0.62 25.21 21.02
CA TYR A 314 1.54 24.38 21.78
C TYR A 314 2.14 23.32 20.85
N VAL A 315 1.33 22.78 19.93
CA VAL A 315 1.86 21.93 18.87
C VAL A 315 2.98 22.65 18.13
N GLY A 316 2.77 23.93 17.81
CA GLY A 316 3.78 24.74 17.13
C GLY A 316 5.06 24.90 17.96
N MET A 317 4.90 24.92 19.30
CA MET A 317 6.05 25.08 20.18
C MET A 317 6.82 23.76 20.23
N VAL A 318 6.08 22.66 20.17
CA VAL A 318 6.65 21.32 20.14
C VAL A 318 7.53 21.18 18.90
N LEU A 319 6.97 21.53 17.75
CA LEU A 319 7.77 21.48 16.53
C LEU A 319 9.06 22.31 16.65
N ASN A 320 8.93 23.51 17.26
CA ASN A 320 10.06 24.40 17.46
C ASN A 320 11.14 23.78 18.34
N GLU A 321 10.71 23.06 19.40
CA GLU A 321 11.64 22.51 20.34
C GLU A 321 12.29 21.27 19.72
N ALA A 322 11.55 20.55 18.86
CA ALA A 322 12.16 19.41 18.18
C ALA A 322 13.25 19.91 17.24
N LEU A 323 12.93 20.99 16.50
CA LEU A 323 13.87 21.66 15.62
C LEU A 323 15.07 22.20 16.39
N ARG A 324 14.87 22.65 17.64
CA ARG A 324 15.98 23.12 18.44
C ARG A 324 16.97 21.98 18.69
N LEU A 325 16.50 20.86 19.25
CA LEU A 325 17.41 19.80 19.62
C LEU A 325 17.95 19.04 18.41
N TRP A 326 17.09 18.74 17.42
CA TRP A 326 17.59 18.04 16.25
C TRP A 326 17.17 18.69 14.93
N PRO A 327 17.77 19.85 14.57
CA PRO A 327 17.54 20.45 13.26
C PRO A 327 17.83 19.45 12.14
N THR A 328 16.76 19.08 11.41
CA THR A 328 16.83 17.96 10.48
C THR A 328 17.67 18.31 9.27
N ALA A 329 17.78 19.60 8.96
CA ALA A 329 18.87 20.01 8.09
C ALA A 329 19.95 20.67 8.95
N PRO A 330 21.06 19.98 9.24
CA PRO A 330 21.92 20.33 10.39
C PRO A 330 23.02 21.38 10.20
N ALA A 331 23.22 21.87 8.98
CA ALA A 331 24.32 22.77 8.71
C ALA A 331 24.05 23.56 7.44
N PHE A 332 24.70 24.73 7.34
CA PHE A 332 24.76 25.48 6.09
C PHE A 332 26.11 26.18 6.03
N SER A 333 26.48 26.61 4.83
CA SER A 333 27.79 27.16 4.54
C SER A 333 27.66 28.61 4.11
N LEU A 334 28.72 29.37 4.41
CA LEU A 334 28.87 30.78 4.05
C LEU A 334 30.31 31.02 3.63
N TYR A 335 30.47 32.05 2.76
CA TYR A 335 31.77 32.64 2.44
C TYR A 335 31.76 34.13 2.73
N ALA A 336 32.99 34.63 2.98
CA ALA A 336 33.21 36.04 3.27
C ALA A 336 33.24 36.80 1.95
N LYS A 337 32.34 37.78 1.81
CA LYS A 337 32.28 38.70 0.69
C LYS A 337 33.54 39.57 0.64
N GLU A 338 34.03 40.02 1.81
CA GLU A 338 35.25 40.85 1.86
C GLU A 338 36.11 40.39 3.03
N ASP A 339 37.37 40.82 3.06
CA ASP A 339 38.20 40.70 4.26
C ASP A 339 37.41 41.19 5.46
N THR A 340 37.45 40.47 6.59
CA THR A 340 36.63 40.86 7.75
C THR A 340 37.18 40.24 9.03
N VAL A 341 36.77 40.79 10.16
CA VAL A 341 37.18 40.26 11.45
C VAL A 341 35.96 39.69 12.18
N LEU A 342 36.02 38.39 12.45
CA LEU A 342 34.90 37.67 13.05
C LEU A 342 35.01 37.74 14.57
N GLY A 343 34.02 38.37 15.20
CA GLY A 343 33.95 38.39 16.65
C GLY A 343 35.16 39.02 17.33
N GLY A 344 35.82 39.94 16.62
CA GLY A 344 36.91 40.68 17.23
C GLY A 344 38.22 39.90 17.34
N GLU A 345 38.30 38.69 16.76
CA GLU A 345 39.43 37.85 17.13
C GLU A 345 39.97 37.06 15.96
N TYR A 346 39.11 36.73 14.99
CA TYR A 346 39.50 35.80 13.93
C TYR A 346 39.42 36.52 12.59
N PRO A 347 40.55 36.97 12.02
CA PRO A 347 40.55 37.67 10.74
C PRO A 347 40.36 36.73 9.55
N LEU A 348 39.35 37.04 8.73
CA LEU A 348 39.04 36.22 7.57
C LEU A 348 39.40 36.99 6.30
N GLU A 349 39.85 36.27 5.27
CA GLU A 349 40.08 36.85 3.96
C GLU A 349 38.84 36.60 3.10
N LYS A 350 38.66 37.45 2.08
CA LYS A 350 37.65 37.30 1.03
C LYS A 350 37.68 35.87 0.51
N GLY A 351 36.49 35.25 0.38
CA GLY A 351 36.43 33.90 -0.14
C GLY A 351 36.46 32.85 0.96
N ASP A 352 36.83 33.26 2.18
CA ASP A 352 37.01 32.33 3.28
C ASP A 352 35.66 31.74 3.69
N GLU A 353 35.68 30.43 3.91
CA GLU A 353 34.49 29.63 4.13
C GLU A 353 34.18 29.46 5.62
N LEU A 354 32.87 29.43 5.98
CA LEU A 354 32.40 29.11 7.33
C LEU A 354 31.33 28.03 7.22
N MET A 355 31.13 27.29 8.32
CA MET A 355 30.04 26.34 8.40
C MET A 355 29.33 26.57 9.72
N VAL A 356 28.00 26.77 9.68
CA VAL A 356 27.22 26.88 10.88
C VAL A 356 26.75 25.47 11.30
N LEU A 357 27.09 25.10 12.52
CA LEU A 357 26.70 23.80 13.06
C LEU A 357 25.46 23.96 13.92
N ILE A 358 24.30 23.86 13.25
CA ILE A 358 23.05 24.34 13.84
C ILE A 358 22.79 23.63 15.17
N PRO A 359 22.98 22.28 15.30
CA PRO A 359 22.63 21.61 16.56
C PRO A 359 23.48 22.09 17.73
N GLN A 360 24.69 22.60 17.43
CA GLN A 360 25.62 23.06 18.45
C GLN A 360 25.19 24.44 18.90
N LEU A 361 24.89 25.29 17.93
CA LEU A 361 24.27 26.59 18.13
C LEU A 361 23.06 26.47 19.07
N HIS A 362 22.23 25.45 18.88
CA HIS A 362 20.98 25.33 19.61
C HIS A 362 21.20 24.76 21.01
N ARG A 363 22.47 24.55 21.35
CA ARG A 363 22.90 23.97 22.60
C ARG A 363 23.69 25.00 23.42
N ASP A 364 23.91 26.19 22.83
CA ASP A 364 24.59 27.30 23.46
C ASP A 364 23.96 27.65 24.82
N LYS A 365 24.68 27.32 25.90
CA LYS A 365 24.12 27.48 27.24
C LYS A 365 23.92 28.94 27.62
N THR A 366 24.66 29.88 26.98
CA THR A 366 24.54 31.29 27.30
C THR A 366 23.19 31.79 26.79
N ILE A 367 22.61 31.08 25.82
CA ILE A 367 21.35 31.53 25.27
C ILE A 367 20.24 30.81 26.00
N TRP A 368 20.36 29.48 26.06
CA TRP A 368 19.20 28.67 26.44
C TRP A 368 19.14 28.38 27.94
N GLY A 369 20.25 28.60 28.67
CA GLY A 369 20.30 28.18 30.07
C GLY A 369 20.90 26.78 30.22
N ASP A 370 20.84 26.27 31.45
CA ASP A 370 21.66 25.11 31.80
C ASP A 370 20.97 23.84 31.36
N ASP A 371 19.63 23.87 31.26
CA ASP A 371 18.85 22.68 30.92
C ASP A 371 18.78 22.52 29.41
N VAL A 372 19.90 22.79 28.73
CA VAL A 372 19.89 22.91 27.29
C VAL A 372 19.50 21.58 26.64
N GLU A 373 19.61 20.49 27.39
CA GLU A 373 19.45 19.16 26.80
C GLU A 373 18.01 18.68 26.97
N GLU A 374 17.22 19.45 27.71
CA GLU A 374 15.90 19.00 28.11
C GLU A 374 14.88 19.43 27.07
N PHE A 375 13.79 18.63 26.90
CA PHE A 375 12.76 18.94 25.92
C PHE A 375 11.68 19.76 26.59
N ARG A 376 11.71 21.07 26.37
CA ARG A 376 10.76 21.98 27.00
C ARG A 376 10.26 23.00 25.98
N PRO A 377 9.11 22.71 25.33
CA PRO A 377 8.58 23.52 24.23
C PRO A 377 8.22 24.92 24.71
N GLU A 378 7.96 25.03 26.03
CA GLU A 378 7.60 26.28 26.67
C GLU A 378 8.67 27.34 26.47
N ARG A 379 9.92 26.96 26.19
CA ARG A 379 10.96 27.97 26.00
C ARG A 379 10.69 28.82 24.75
N PHE A 380 9.67 28.46 23.98
CA PHE A 380 9.29 29.25 22.82
C PHE A 380 8.05 30.10 23.14
N GLU A 381 7.68 30.14 24.42
CA GLU A 381 6.39 30.68 24.86
C GLU A 381 6.30 32.18 24.56
N ASN A 382 7.42 32.90 24.62
CA ASN A 382 7.48 34.25 24.11
C ASN A 382 8.75 34.47 23.30
N PRO A 383 8.66 34.36 21.96
CA PRO A 383 9.84 34.40 21.08
C PRO A 383 10.72 35.65 21.10
N SER A 384 10.10 36.80 21.41
CA SER A 384 10.81 38.08 21.32
C SER A 384 11.91 38.14 22.38
N ALA A 385 11.78 37.31 23.43
CA ALA A 385 12.86 37.17 24.39
C ALA A 385 14.03 36.37 23.82
N ILE A 386 13.99 35.90 22.56
CA ILE A 386 15.12 35.12 22.08
C ILE A 386 16.13 36.05 21.38
N PRO A 387 17.46 36.02 21.71
CA PRO A 387 18.42 36.89 21.04
C PRO A 387 18.49 36.58 19.54
N GLN A 388 18.92 37.58 18.73
CA GLN A 388 18.98 37.44 17.29
C GLN A 388 19.88 36.27 16.93
N HIS A 389 19.51 35.54 15.86
CA HIS A 389 20.28 34.45 15.27
C HIS A 389 20.62 33.34 16.27
N ALA A 390 19.79 33.19 17.30
CA ALA A 390 19.98 32.08 18.22
C ALA A 390 19.46 30.76 17.65
N PHE A 391 18.27 30.81 17.03
CA PHE A 391 17.56 29.65 16.51
C PHE A 391 17.53 29.71 14.98
N LYS A 392 18.24 28.83 14.25
CA LYS A 392 18.34 28.92 12.81
C LYS A 392 18.05 27.59 12.11
N PRO A 393 16.95 26.88 12.42
CA PRO A 393 16.69 25.58 11.77
C PRO A 393 16.35 25.76 10.29
N PHE A 394 15.98 26.99 9.87
CA PHE A 394 15.66 27.25 8.47
C PHE A 394 16.73 28.06 7.75
N GLY A 395 17.93 28.18 8.29
CA GLY A 395 18.90 28.98 7.54
C GLY A 395 18.77 30.48 7.86
N ASN A 396 19.24 31.32 6.93
CA ASN A 396 19.44 32.72 7.23
C ASN A 396 19.18 33.61 6.00
N GLY A 397 18.40 34.68 6.26
CA GLY A 397 18.22 35.79 5.36
C GLY A 397 17.53 35.38 4.06
N GLN A 398 17.92 36.03 2.96
CA GLN A 398 17.31 35.79 1.67
C GLN A 398 17.49 34.33 1.23
N ARG A 399 18.57 33.67 1.68
CA ARG A 399 18.84 32.27 1.35
C ARG A 399 18.23 31.32 2.41
N ALA A 400 17.26 31.81 3.19
CA ALA A 400 16.57 30.92 4.12
C ALA A 400 15.63 29.99 3.33
N CYS A 401 15.11 28.96 4.02
CA CYS A 401 14.17 27.99 3.46
C CYS A 401 12.93 28.71 2.97
N ILE A 402 12.57 28.49 1.70
CA ILE A 402 11.38 29.10 1.12
C ILE A 402 10.16 28.29 1.53
N GLY A 403 10.36 27.02 1.86
CA GLY A 403 9.28 26.14 2.27
C GLY A 403 9.04 26.13 3.79
N GLN A 404 9.71 27.02 4.52
CA GLN A 404 9.45 27.13 5.96
C GLN A 404 7.96 27.03 6.29
N GLN A 405 7.11 27.84 5.63
CA GLN A 405 5.72 27.92 6.06
C GLN A 405 4.92 26.67 5.67
N PHE A 406 5.20 26.18 4.46
CA PHE A 406 4.74 24.87 4.00
C PHE A 406 5.00 23.78 5.05
N ALA A 407 6.26 23.67 5.51
CA ALA A 407 6.69 22.60 6.39
C ALA A 407 6.01 22.68 7.75
N LEU A 408 5.91 23.89 8.33
CA LEU A 408 5.30 24.08 9.64
C LEU A 408 3.78 23.87 9.60
N HIS A 409 3.16 24.19 8.46
CA HIS A 409 1.72 23.96 8.37
C HIS A 409 1.44 22.46 8.28
N GLU A 410 2.13 21.78 7.34
CA GLU A 410 2.03 20.33 7.23
C GLU A 410 2.25 19.68 8.59
N ALA A 411 3.39 20.00 9.23
CA ALA A 411 3.76 19.35 10.48
C ALA A 411 2.70 19.61 11.53
N THR A 412 2.23 20.86 11.62
CA THR A 412 1.28 21.22 12.63
C THR A 412 -0.03 20.44 12.43
N LEU A 413 -0.51 20.41 11.20
CA LEU A 413 -1.70 19.65 10.81
C LEU A 413 -1.54 18.18 11.19
N VAL A 414 -0.43 17.57 10.78
CA VAL A 414 -0.27 16.13 10.91
C VAL A 414 -0.15 15.75 12.37
N LEU A 415 0.65 16.52 13.12
CA LEU A 415 0.85 16.20 14.54
C LEU A 415 -0.45 16.40 15.32
N GLY A 416 -1.13 17.52 15.05
CA GLY A 416 -2.45 17.82 15.58
C GLY A 416 -3.39 16.62 15.45
N MET A 417 -3.59 16.18 14.22
CA MET A 417 -4.46 15.03 13.95
C MET A 417 -4.02 13.76 14.68
N MET A 418 -2.69 13.51 14.70
CA MET A 418 -2.13 12.36 15.37
C MET A 418 -2.45 12.36 16.87
N LEU A 419 -2.34 13.55 17.49
CA LEU A 419 -2.58 13.71 18.92
C LEU A 419 -4.08 13.66 19.22
N LYS A 420 -4.89 14.02 18.23
CA LYS A 420 -6.33 13.94 18.41
C LYS A 420 -6.78 12.48 18.38
N HIS A 421 -6.21 11.70 17.45
CA HIS A 421 -6.80 10.42 17.09
C HIS A 421 -6.27 9.23 17.89
N PHE A 422 -5.04 9.36 18.44
CA PHE A 422 -4.38 8.22 19.09
C PHE A 422 -3.67 8.61 20.38
N ASP A 423 -3.64 7.66 21.34
CA ASP A 423 -2.64 7.59 22.40
C ASP A 423 -1.45 6.80 21.89
N PHE A 424 -0.25 7.10 22.40
CA PHE A 424 0.95 6.52 21.83
C PHE A 424 1.72 5.79 22.92
N GLU A 425 2.43 4.72 22.54
CA GLU A 425 3.16 3.92 23.51
C GLU A 425 4.57 3.66 22.99
N ASP A 426 5.58 3.94 23.85
CA ASP A 426 6.98 3.72 23.48
C ASP A 426 7.36 2.28 23.85
N HIS A 427 6.79 1.32 23.12
CA HIS A 427 6.66 -0.06 23.58
C HIS A 427 8.01 -0.79 23.57
N THR A 428 9.02 -0.25 22.89
CA THR A 428 10.31 -0.90 22.83
C THR A 428 11.28 -0.17 23.74
N ASN A 429 10.81 0.91 24.38
CA ASN A 429 11.68 1.85 25.08
C ASN A 429 12.82 2.28 24.14
N TYR A 430 12.48 2.97 23.05
CA TYR A 430 13.42 3.15 21.95
C TYR A 430 14.62 3.97 22.40
N GLU A 431 15.83 3.47 22.09
CA GLU A 431 17.06 4.23 22.21
C GLU A 431 17.35 4.96 20.90
N LEU A 432 17.44 6.29 20.99
CA LEU A 432 17.62 7.12 19.82
C LEU A 432 18.86 6.69 19.06
N ASP A 433 18.68 6.48 17.75
CA ASP A 433 19.77 6.25 16.82
C ASP A 433 19.55 7.16 15.62
N ILE A 434 20.49 8.06 15.38
CA ILE A 434 20.24 9.10 14.39
C ILE A 434 21.00 8.76 13.12
N LYS A 435 20.22 8.49 12.06
CA LYS A 435 20.73 8.19 10.73
C LYS A 435 21.01 9.49 9.97
N GLU A 436 22.17 9.56 9.30
CA GLU A 436 22.58 10.78 8.60
C GLU A 436 22.55 10.61 7.08
N THR A 437 21.66 11.33 6.39
CA THR A 437 21.70 11.33 4.94
C THR A 437 22.12 12.71 4.45
N LEU A 438 21.24 13.36 3.67
CA LEU A 438 21.32 14.81 3.55
C LEU A 438 20.81 15.42 4.86
N THR A 439 20.10 14.61 5.65
CA THR A 439 19.37 15.13 6.79
C THR A 439 19.47 14.13 7.94
N LEU A 440 18.88 14.48 9.09
CA LEU A 440 18.91 13.60 10.25
C LEU A 440 17.54 12.95 10.45
N LYS A 441 17.53 11.65 10.70
CA LYS A 441 16.29 10.95 11.04
C LYS A 441 16.53 10.00 12.21
N PRO A 442 15.51 9.72 13.07
CA PRO A 442 15.65 8.67 14.07
C PRO A 442 15.39 7.26 13.54
N GLU A 443 16.47 6.52 13.25
CA GLU A 443 16.33 5.23 12.59
C GLU A 443 15.74 4.20 13.57
N GLY A 444 14.84 3.35 13.05
CA GLY A 444 14.27 2.28 13.84
C GLY A 444 13.30 2.77 14.92
N PHE A 445 12.87 4.03 14.86
CA PHE A 445 11.90 4.51 15.84
C PHE A 445 10.55 3.84 15.54
N VAL A 446 10.01 3.13 16.54
CA VAL A 446 8.73 2.46 16.37
C VAL A 446 7.88 2.80 17.57
N VAL A 447 6.56 2.95 17.34
CA VAL A 447 5.60 3.05 18.43
C VAL A 447 4.39 2.14 18.21
N LYS A 448 3.56 2.02 19.25
CA LYS A 448 2.20 1.53 19.09
C LYS A 448 1.20 2.70 19.27
N ALA A 449 0.23 2.79 18.37
CA ALA A 449 -0.86 3.75 18.57
C ALA A 449 -2.09 3.01 19.06
N LYS A 450 -2.91 3.69 19.85
CA LYS A 450 -4.17 3.10 20.25
C LYS A 450 -5.25 4.12 19.99
N SER A 451 -6.27 3.67 19.26
CA SER A 451 -7.21 4.60 18.68
C SER A 451 -8.10 5.12 19.80
N LYS A 452 -8.33 6.43 19.81
CA LYS A 452 -9.36 7.04 20.63
C LYS A 452 -10.73 6.90 19.95
N LYS A 453 -10.78 6.24 18.79
CA LYS A 453 -12.04 5.89 18.15
C LYS A 453 -12.84 7.16 17.84
N ILE A 454 -12.16 8.22 17.39
CA ILE A 454 -12.83 9.43 16.98
C ILE A 454 -12.89 9.43 15.45
N PRO A 455 -14.09 9.52 14.83
CA PRO A 455 -14.23 9.24 13.41
C PRO A 455 -13.93 10.51 12.61
N LEU A 456 -13.64 10.34 11.32
CA LEU A 456 -13.11 11.40 10.47
C LEU A 456 -14.22 12.15 9.74
N LYS B 4 -24.52 -48.95 -23.66
CA LYS B 4 -23.63 -48.02 -24.46
C LYS B 4 -22.24 -47.90 -23.84
N GLU B 5 -21.20 -47.86 -24.68
CA GLU B 5 -19.82 -47.81 -24.19
C GLU B 5 -19.23 -46.41 -24.40
N MET B 6 -18.47 -45.98 -23.39
CA MET B 6 -18.15 -44.58 -23.10
C MET B 6 -16.89 -44.15 -23.84
N PRO B 7 -16.87 -42.96 -24.47
CA PRO B 7 -15.63 -42.42 -25.06
C PRO B 7 -14.53 -42.15 -24.03
N GLN B 8 -13.28 -42.22 -24.48
CA GLN B 8 -12.14 -41.91 -23.63
C GLN B 8 -11.09 -41.24 -24.50
N PRO B 9 -10.40 -40.18 -24.02
CA PRO B 9 -9.42 -39.48 -24.86
C PRO B 9 -8.13 -40.30 -24.89
N LYS B 10 -7.09 -39.74 -25.53
CA LYS B 10 -5.82 -40.39 -25.79
C LYS B 10 -5.11 -40.81 -24.50
N THR B 11 -4.37 -41.93 -24.61
CA THR B 11 -3.71 -42.59 -23.49
C THR B 11 -2.20 -42.57 -23.70
N PHE B 12 -1.48 -42.82 -22.60
CA PHE B 12 -0.03 -42.68 -22.60
C PHE B 12 0.60 -43.96 -22.06
N GLY B 13 0.29 -45.09 -22.70
CA GLY B 13 0.69 -46.39 -22.19
C GLY B 13 0.19 -46.61 -20.76
N GLU B 14 1.13 -46.91 -19.86
CA GLU B 14 0.87 -47.23 -18.46
C GLU B 14 0.25 -46.03 -17.73
N LEU B 15 0.54 -44.81 -18.21
CA LEU B 15 0.06 -43.64 -17.49
C LEU B 15 -1.39 -43.29 -17.86
N LYS B 16 -2.01 -44.07 -18.75
CA LYS B 16 -3.37 -43.85 -19.24
C LYS B 16 -3.58 -42.38 -19.62
N ASN B 17 -4.65 -41.76 -19.07
CA ASN B 17 -4.99 -40.38 -19.37
C ASN B 17 -4.19 -39.38 -18.52
N LEU B 18 -3.50 -39.84 -17.46
CA LEU B 18 -2.94 -38.92 -16.48
C LEU B 18 -2.14 -37.76 -17.12
N PRO B 19 -1.27 -37.96 -18.13
CA PRO B 19 -0.49 -36.83 -18.68
C PRO B 19 -1.27 -35.72 -19.38
N LEU B 20 -2.56 -35.95 -19.67
CA LEU B 20 -3.41 -34.89 -20.21
C LEU B 20 -3.54 -33.74 -19.22
N LEU B 21 -3.46 -34.03 -17.92
CA LEU B 21 -3.57 -33.03 -16.86
C LEU B 21 -2.23 -32.35 -16.67
N ASN B 22 -1.17 -32.92 -17.26
CA ASN B 22 0.16 -32.36 -17.18
C ASN B 22 0.25 -31.10 -18.06
N THR B 23 -0.50 -30.07 -17.63
CA THR B 23 -0.57 -28.76 -18.27
C THR B 23 -0.99 -27.77 -17.17
N ASP B 24 -0.82 -26.47 -17.41
CA ASP B 24 -1.20 -25.50 -16.38
C ASP B 24 -2.63 -25.01 -16.62
N LYS B 25 -3.32 -25.60 -17.62
CA LYS B 25 -4.72 -25.32 -17.89
C LYS B 25 -5.51 -26.62 -17.94
N PRO B 26 -5.63 -27.41 -16.83
CA PRO B 26 -6.29 -28.70 -16.88
C PRO B 26 -7.78 -28.59 -17.19
N VAL B 27 -8.48 -27.62 -16.57
CA VAL B 27 -9.91 -27.48 -16.81
C VAL B 27 -10.18 -27.25 -18.30
N GLN B 28 -9.45 -26.28 -18.89
CA GLN B 28 -9.62 -25.91 -20.28
C GLN B 28 -9.36 -27.10 -21.20
N ALA B 29 -8.27 -27.86 -20.96
CA ALA B 29 -7.99 -29.04 -21.75
C ALA B 29 -9.16 -30.04 -21.72
N LEU B 30 -9.72 -30.31 -20.53
CA LEU B 30 -10.85 -31.23 -20.41
C LEU B 30 -12.07 -30.68 -21.16
N MET B 31 -12.20 -29.33 -21.18
CA MET B 31 -13.26 -28.68 -21.91
C MET B 31 -13.16 -29.03 -23.40
N LYS B 32 -11.94 -29.00 -23.95
CA LYS B 32 -11.76 -29.30 -25.37
C LYS B 32 -11.98 -30.78 -25.63
N ILE B 33 -11.77 -31.60 -24.59
CA ILE B 33 -12.01 -33.04 -24.71
C ILE B 33 -13.51 -33.25 -24.72
N ALA B 34 -14.19 -32.61 -23.76
CA ALA B 34 -15.65 -32.62 -23.74
C ALA B 34 -16.20 -32.27 -25.13
N ASP B 35 -15.54 -31.30 -25.79
CA ASP B 35 -15.93 -30.83 -27.11
C ASP B 35 -15.83 -31.95 -28.12
N GLU B 36 -14.66 -32.62 -28.19
CA GLU B 36 -14.45 -33.80 -29.02
C GLU B 36 -15.45 -34.91 -28.70
N LEU B 37 -15.65 -35.24 -27.41
CA LEU B 37 -16.18 -36.56 -27.08
C LEU B 37 -17.63 -36.53 -26.64
N GLY B 38 -18.13 -35.36 -26.18
CA GLY B 38 -19.54 -35.24 -25.87
C GLY B 38 -19.83 -35.26 -24.37
N GLU B 39 -21.04 -35.73 -24.02
CA GLU B 39 -21.63 -35.43 -22.73
C GLU B 39 -21.00 -36.27 -21.62
N ILE B 40 -20.24 -37.30 -22.00
CA ILE B 40 -19.61 -38.16 -21.02
C ILE B 40 -18.36 -38.76 -21.63
N PHE B 41 -17.27 -38.75 -20.87
CA PHE B 41 -16.10 -39.53 -21.23
C PHE B 41 -15.44 -40.11 -19.98
N LYS B 42 -14.78 -41.26 -20.19
CA LYS B 42 -14.01 -41.99 -19.20
C LYS B 42 -12.62 -41.34 -19.09
N PHE B 43 -12.13 -41.20 -17.86
CA PHE B 43 -10.78 -40.69 -17.61
C PHE B 43 -10.06 -41.59 -16.60
N GLU B 44 -8.98 -42.27 -17.03
CA GLU B 44 -8.23 -43.15 -16.14
C GLU B 44 -6.85 -42.60 -15.83
N ALA B 45 -6.45 -42.67 -14.55
CA ALA B 45 -5.07 -42.54 -14.09
C ALA B 45 -4.66 -43.88 -13.47
N PRO B 46 -3.35 -44.12 -13.23
CA PRO B 46 -2.95 -45.35 -12.54
C PRO B 46 -3.75 -45.44 -11.24
N GLY B 47 -4.60 -46.48 -11.14
CA GLY B 47 -5.35 -46.74 -9.93
C GLY B 47 -6.48 -45.74 -9.68
N ARG B 48 -7.04 -45.15 -10.74
CA ARG B 48 -8.26 -44.38 -10.60
C ARG B 48 -9.01 -44.28 -11.92
N VAL B 49 -10.34 -44.26 -11.81
CA VAL B 49 -11.20 -43.95 -12.95
C VAL B 49 -12.25 -42.93 -12.51
N THR B 50 -12.48 -41.95 -13.36
CA THR B 50 -13.60 -41.02 -13.15
C THR B 50 -14.34 -40.84 -14.46
N ARG B 51 -15.52 -40.21 -14.40
CA ARG B 51 -16.30 -39.91 -15.59
C ARG B 51 -16.66 -38.42 -15.59
N TYR B 52 -16.37 -37.72 -16.71
CA TYR B 52 -16.66 -36.30 -16.86
C TYR B 52 -18.03 -36.09 -17.49
N LEU B 53 -18.90 -35.34 -16.80
CA LEU B 53 -20.23 -35.03 -17.29
C LEU B 53 -20.28 -33.60 -17.81
N SER B 54 -20.84 -33.42 -19.02
CA SER B 54 -20.93 -32.15 -19.71
C SER B 54 -22.37 -31.70 -20.04
N SER B 55 -23.36 -32.57 -19.87
CA SER B 55 -24.70 -32.26 -20.37
C SER B 55 -25.69 -32.15 -19.22
N GLN B 56 -26.67 -31.26 -19.36
CA GLN B 56 -27.72 -31.11 -18.36
C GLN B 56 -28.48 -32.42 -18.20
N ARG B 57 -28.63 -33.15 -19.31
CA ARG B 57 -29.33 -34.43 -19.29
C ARG B 57 -28.78 -35.35 -18.19
N LEU B 58 -27.45 -35.51 -18.16
CA LEU B 58 -26.80 -36.45 -17.24
C LEU B 58 -26.52 -35.80 -15.89
N ILE B 59 -26.11 -34.52 -15.88
CA ILE B 59 -25.79 -33.80 -14.66
C ILE B 59 -27.01 -33.72 -13.75
N LYS B 60 -28.20 -33.64 -14.34
CA LYS B 60 -29.43 -33.52 -13.56
C LYS B 60 -29.60 -34.76 -12.68
N GLU B 61 -29.20 -35.91 -13.20
CA GLU B 61 -29.31 -37.17 -12.50
C GLU B 61 -28.22 -37.24 -11.44
N ALA B 62 -27.01 -36.79 -11.80
CA ALA B 62 -25.92 -36.78 -10.84
C ALA B 62 -26.25 -35.88 -9.65
N CYS B 63 -27.13 -34.89 -9.84
CA CYS B 63 -27.49 -34.02 -8.73
C CYS B 63 -28.60 -34.57 -7.85
N ASP B 64 -29.04 -35.82 -8.08
CA ASP B 64 -30.04 -36.44 -7.23
C ASP B 64 -29.36 -36.96 -5.97
N GLU B 65 -29.61 -36.30 -4.85
CA GLU B 65 -28.85 -36.56 -3.64
C GLU B 65 -29.18 -37.95 -3.04
N SER B 66 -30.31 -38.54 -3.47
CA SER B 66 -30.61 -39.89 -3.00
C SER B 66 -29.77 -40.92 -3.76
N ARG B 67 -29.17 -40.53 -4.90
CA ARG B 67 -28.38 -41.48 -5.67
C ARG B 67 -26.87 -41.20 -5.59
N PHE B 68 -26.50 -39.91 -5.46
CA PHE B 68 -25.11 -39.45 -5.48
C PHE B 68 -24.87 -38.48 -4.32
N ASP B 69 -23.62 -38.51 -3.83
CA ASP B 69 -23.19 -37.64 -2.75
C ASP B 69 -21.85 -37.03 -3.15
N LYS B 70 -21.47 -35.93 -2.50
CA LYS B 70 -20.26 -35.19 -2.82
C LYS B 70 -19.05 -36.09 -2.56
N ASN B 71 -18.11 -36.12 -3.49
CA ASN B 71 -16.88 -36.87 -3.32
C ASN B 71 -15.72 -35.87 -3.17
N LEU B 72 -14.74 -36.16 -2.31
CA LEU B 72 -13.52 -35.37 -2.33
C LEU B 72 -12.67 -35.85 -3.48
N SER B 73 -12.56 -35.01 -4.51
CA SER B 73 -11.61 -35.23 -5.59
C SER B 73 -10.19 -35.24 -5.03
N GLN B 74 -9.21 -35.60 -5.88
CA GLN B 74 -7.82 -35.63 -5.47
C GLN B 74 -7.35 -34.23 -5.06
N ALA B 75 -7.88 -33.20 -5.72
CA ALA B 75 -7.58 -31.82 -5.35
C ALA B 75 -8.05 -31.53 -3.93
N LEU B 76 -9.29 -31.93 -3.63
CA LEU B 76 -9.82 -31.68 -2.31
C LEU B 76 -9.03 -32.46 -1.26
N LYS B 77 -8.63 -33.68 -1.60
CA LYS B 77 -7.84 -34.50 -0.69
C LYS B 77 -6.54 -33.79 -0.32
N PHE B 78 -5.92 -33.16 -1.32
CA PHE B 78 -4.70 -32.40 -1.07
C PHE B 78 -5.00 -31.11 -0.28
N VAL B 79 -6.13 -30.45 -0.56
CA VAL B 79 -6.41 -29.22 0.17
C VAL B 79 -6.69 -29.57 1.64
N ARG B 80 -7.17 -30.79 1.89
CA ARG B 80 -7.61 -31.18 3.23
C ARG B 80 -6.43 -31.16 4.20
N ASP B 81 -5.22 -31.39 3.69
CA ASP B 81 -4.04 -31.26 4.52
C ASP B 81 -3.98 -29.94 5.28
N PHE B 82 -4.64 -28.88 4.77
CA PHE B 82 -4.62 -27.63 5.53
C PHE B 82 -6.02 -27.07 5.80
N ALA B 83 -7.05 -27.50 5.05
CA ALA B 83 -8.44 -27.07 5.31
C ALA B 83 -9.13 -28.11 6.21
N GLY B 84 -8.49 -29.26 6.42
CA GLY B 84 -8.95 -30.20 7.44
C GLY B 84 -10.41 -30.60 7.26
N ASP B 85 -11.11 -30.84 8.39
CA ASP B 85 -12.51 -31.18 8.31
C ASP B 85 -13.41 -29.92 8.32
N GLY B 86 -12.91 -28.82 7.72
CA GLY B 86 -13.77 -27.70 7.37
C GLY B 86 -14.91 -28.17 6.46
N LEU B 87 -16.01 -27.40 6.37
CA LEU B 87 -17.18 -27.65 5.53
C LEU B 87 -16.85 -28.08 4.10
N PHE B 88 -15.82 -27.46 3.49
CA PHE B 88 -15.54 -27.68 2.08
C PHE B 88 -14.77 -28.99 1.86
N THR B 89 -14.02 -29.48 2.86
CA THR B 89 -13.14 -30.63 2.62
C THR B 89 -13.55 -31.80 3.52
N SER B 90 -14.80 -31.77 4.00
CA SER B 90 -15.32 -32.88 4.76
C SER B 90 -16.31 -33.69 3.93
N TRP B 91 -16.40 -34.98 4.27
CA TRP B 91 -17.43 -35.84 3.75
C TRP B 91 -18.73 -35.57 4.48
N THR B 92 -19.85 -35.75 3.78
CA THR B 92 -21.17 -35.47 4.32
C THR B 92 -21.42 -36.33 5.57
N HIS B 93 -20.77 -37.50 5.62
CA HIS B 93 -21.06 -38.47 6.66
C HIS B 93 -20.20 -38.21 7.91
N GLU B 94 -19.26 -37.26 7.82
CA GLU B 94 -18.46 -36.98 8.99
C GLU B 94 -19.24 -36.10 9.94
N LYS B 95 -19.13 -36.36 11.26
CA LYS B 95 -19.94 -35.72 12.28
C LYS B 95 -19.78 -34.19 12.19
N ASN B 96 -18.54 -33.73 11.99
CA ASN B 96 -18.21 -32.31 11.90
C ASN B 96 -18.81 -31.56 10.70
N TRP B 97 -19.18 -32.26 9.61
CA TRP B 97 -19.81 -31.58 8.48
C TRP B 97 -21.19 -31.02 8.85
N LYS B 98 -22.07 -31.88 9.42
CA LYS B 98 -23.46 -31.54 9.64
C LYS B 98 -23.52 -30.57 10.81
N LYS B 99 -22.56 -30.74 11.72
CA LYS B 99 -22.43 -29.90 12.90
C LYS B 99 -22.02 -28.48 12.48
N ALA B 100 -20.84 -28.36 11.86
CA ALA B 100 -20.48 -27.07 11.27
C ALA B 100 -21.68 -26.51 10.50
N HIS B 101 -22.31 -27.37 9.68
CA HIS B 101 -23.32 -26.94 8.74
C HIS B 101 -24.50 -26.26 9.44
N ASN B 102 -25.01 -26.88 10.50
CA ASN B 102 -26.14 -26.38 11.26
C ASN B 102 -25.75 -25.14 12.04
N ILE B 103 -24.52 -25.15 12.58
CA ILE B 103 -24.07 -23.96 13.28
C ILE B 103 -23.92 -22.77 12.33
N LEU B 104 -23.43 -22.98 11.10
CA LEU B 104 -23.03 -21.84 10.25
C LEU B 104 -24.09 -21.33 9.28
N LEU B 105 -25.13 -22.12 8.98
CA LEU B 105 -26.03 -21.76 7.89
C LEU B 105 -26.69 -20.40 8.13
N PRO B 106 -27.17 -20.08 9.36
CA PRO B 106 -27.77 -18.76 9.60
C PRO B 106 -26.79 -17.59 9.60
N SER B 107 -25.47 -17.87 9.64
CA SER B 107 -24.49 -16.81 9.54
C SER B 107 -24.25 -16.45 8.08
N PHE B 108 -24.78 -17.27 7.15
CA PHE B 108 -24.61 -17.08 5.72
C PHE B 108 -25.92 -16.77 5.01
N SER B 109 -27.00 -16.59 5.78
CA SER B 109 -28.30 -16.29 5.19
C SER B 109 -28.32 -14.88 4.57
N GLN B 110 -29.24 -14.65 3.63
CA GLN B 110 -29.51 -13.36 3.01
C GLN B 110 -29.75 -12.29 4.07
N GLN B 111 -30.34 -12.72 5.19
CA GLN B 111 -30.62 -11.89 6.35
C GLN B 111 -29.34 -11.48 7.06
N ALA B 112 -28.34 -12.40 7.06
CA ALA B 112 -27.11 -12.21 7.82
C ALA B 112 -26.24 -11.16 7.14
N MET B 113 -26.47 -10.97 5.83
CA MET B 113 -25.71 -10.06 5.01
C MET B 113 -25.94 -8.61 5.45
N LYS B 114 -27.15 -8.25 5.91
CA LYS B 114 -27.35 -6.88 6.40
C LYS B 114 -26.27 -6.54 7.44
N GLY B 115 -25.94 -7.52 8.29
CA GLY B 115 -24.94 -7.35 9.32
C GLY B 115 -23.49 -7.24 8.80
N TYR B 116 -23.18 -7.88 7.67
CA TYR B 116 -21.83 -7.88 7.11
C TYR B 116 -21.64 -6.66 6.22
N HIS B 117 -22.75 -6.02 5.87
CA HIS B 117 -22.82 -4.99 4.83
C HIS B 117 -21.77 -3.90 5.05
N ALA B 118 -21.71 -3.35 6.26
CA ALA B 118 -20.90 -2.17 6.54
C ALA B 118 -19.42 -2.50 6.35
N MET B 119 -18.99 -3.63 6.90
CA MET B 119 -17.62 -4.09 6.69
C MET B 119 -17.31 -4.21 5.20
N MET B 120 -18.31 -4.58 4.36
CA MET B 120 -18.03 -4.80 2.95
C MET B 120 -17.79 -3.47 2.22
N VAL B 121 -18.61 -2.45 2.55
CA VAL B 121 -18.45 -1.07 2.13
C VAL B 121 -17.05 -0.54 2.49
N ASP B 122 -16.59 -0.83 3.70
CA ASP B 122 -15.27 -0.39 4.15
C ASP B 122 -14.20 -0.79 3.14
N ILE B 123 -14.13 -2.08 2.81
CA ILE B 123 -13.12 -2.54 1.87
C ILE B 123 -13.43 -2.01 0.46
N ALA B 124 -14.72 -1.88 0.13
CA ALA B 124 -15.11 -1.46 -1.22
C ALA B 124 -14.67 -0.02 -1.49
N VAL B 125 -14.89 0.85 -0.48
CA VAL B 125 -14.46 2.24 -0.57
C VAL B 125 -12.94 2.30 -0.73
N GLN B 126 -12.19 1.48 0.02
CA GLN B 126 -10.74 1.41 -0.18
C GLN B 126 -10.41 1.19 -1.65
N LEU B 127 -11.17 0.32 -2.33
CA LEU B 127 -10.94 0.03 -3.74
C LEU B 127 -11.20 1.28 -4.59
N VAL B 128 -12.38 1.89 -4.40
CA VAL B 128 -12.76 3.08 -5.16
C VAL B 128 -11.68 4.15 -4.99
N GLN B 129 -11.25 4.37 -3.74
CA GLN B 129 -10.25 5.39 -3.41
C GLN B 129 -8.89 5.08 -4.04
N LYS B 130 -8.48 3.80 -4.06
CA LYS B 130 -7.23 3.49 -4.71
C LYS B 130 -7.32 3.97 -6.16
N TRP B 131 -8.48 3.70 -6.81
CA TRP B 131 -8.65 3.92 -8.23
C TRP B 131 -8.82 5.41 -8.53
N GLU B 132 -9.48 6.16 -7.62
CA GLU B 132 -9.66 7.59 -7.81
C GLU B 132 -8.30 8.29 -7.77
N ARG B 133 -7.32 7.66 -7.13
CA ARG B 133 -6.07 8.30 -6.74
C ARG B 133 -4.98 7.91 -7.72
N LEU B 134 -5.29 7.08 -8.72
CA LEU B 134 -4.33 6.79 -9.78
C LEU B 134 -4.06 8.03 -10.63
N ASN B 135 -2.87 8.12 -11.23
CA ASN B 135 -2.54 9.19 -12.16
C ASN B 135 -2.99 8.81 -13.58
N ALA B 136 -2.96 9.79 -14.51
CA ALA B 136 -3.52 9.63 -15.84
C ALA B 136 -2.74 8.57 -16.60
N ASP B 137 -1.44 8.46 -16.32
CA ASP B 137 -0.54 7.60 -17.05
C ASP B 137 -0.65 6.14 -16.61
N GLU B 138 -1.59 5.84 -15.70
CA GLU B 138 -1.56 4.57 -14.99
C GLU B 138 -2.77 3.70 -15.36
N HIS B 139 -2.63 2.39 -15.15
CA HIS B 139 -3.72 1.44 -15.33
C HIS B 139 -3.99 0.64 -14.06
N ILE B 140 -5.11 -0.11 -14.09
CA ILE B 140 -5.54 -1.03 -13.05
C ILE B 140 -5.14 -2.44 -13.46
N GLU B 141 -4.65 -3.22 -12.49
CA GLU B 141 -4.48 -4.66 -12.66
C GLU B 141 -5.65 -5.34 -11.98
N VAL B 142 -6.58 -5.87 -12.79
CA VAL B 142 -7.92 -6.18 -12.30
C VAL B 142 -7.91 -7.33 -11.30
N PRO B 143 -7.46 -8.56 -11.68
CA PRO B 143 -7.52 -9.69 -10.76
C PRO B 143 -6.79 -9.41 -9.44
N GLU B 144 -5.70 -8.63 -9.53
CA GLU B 144 -4.91 -8.26 -8.37
C GLU B 144 -5.70 -7.38 -7.41
N ASP B 145 -6.31 -6.31 -7.95
CA ASP B 145 -7.12 -5.47 -7.07
C ASP B 145 -8.33 -6.24 -6.55
N MET B 146 -8.95 -7.06 -7.41
CA MET B 146 -10.14 -7.78 -6.99
C MET B 146 -9.81 -8.73 -5.84
N THR B 147 -8.63 -9.38 -5.93
CA THR B 147 -8.12 -10.30 -4.94
C THR B 147 -7.84 -9.59 -3.62
N ARG B 148 -7.16 -8.43 -3.69
CA ARG B 148 -7.02 -7.57 -2.53
C ARG B 148 -8.36 -7.31 -1.86
N LEU B 149 -9.35 -6.95 -2.67
CA LEU B 149 -10.65 -6.63 -2.10
C LEU B 149 -11.27 -7.86 -1.42
N THR B 150 -11.41 -8.99 -2.16
CA THR B 150 -12.23 -10.10 -1.70
C THR B 150 -11.64 -10.74 -0.44
N LEU B 151 -10.31 -10.82 -0.40
CA LEU B 151 -9.61 -11.34 0.75
C LEU B 151 -9.79 -10.43 1.97
N ASP B 152 -9.56 -9.12 1.80
CA ASP B 152 -9.74 -8.20 2.90
C ASP B 152 -11.18 -8.28 3.40
N THR B 153 -12.11 -8.46 2.47
CA THR B 153 -13.53 -8.50 2.86
C THR B 153 -13.79 -9.70 3.78
N ILE B 154 -13.28 -10.88 3.41
CA ILE B 154 -13.56 -12.07 4.19
C ILE B 154 -12.82 -11.98 5.53
N GLY B 155 -11.60 -11.41 5.50
CA GLY B 155 -10.82 -11.15 6.72
C GLY B 155 -11.62 -10.36 7.76
N LEU B 156 -12.20 -9.23 7.35
CA LEU B 156 -12.91 -8.34 8.27
C LEU B 156 -14.19 -9.01 8.74
N CYS B 157 -14.98 -9.53 7.80
CA CYS B 157 -16.25 -10.18 8.10
C CYS B 157 -16.07 -11.53 8.79
N GLY B 158 -14.94 -12.21 8.51
CA GLY B 158 -14.70 -13.52 9.08
C GLY B 158 -14.32 -13.48 10.56
N PHE B 159 -13.37 -12.58 10.90
CA PHE B 159 -12.82 -12.59 12.25
C PHE B 159 -12.20 -11.25 12.59
N ASN B 160 -12.72 -10.18 11.99
CA ASN B 160 -12.38 -8.81 12.36
C ASN B 160 -10.87 -8.58 12.26
N TYR B 161 -10.21 -9.23 11.30
CA TYR B 161 -8.80 -9.01 11.09
C TYR B 161 -8.61 -8.21 9.79
N ARG B 162 -7.69 -7.23 9.79
CA ARG B 162 -7.40 -6.42 8.58
C ARG B 162 -6.09 -6.87 7.94
N PHE B 163 -6.22 -7.55 6.79
CA PHE B 163 -5.07 -7.92 5.99
C PHE B 163 -4.40 -6.69 5.36
N ASN B 164 -5.17 -5.62 5.19
CA ASN B 164 -4.62 -4.35 4.73
C ASN B 164 -3.97 -4.46 3.33
N SER B 165 -4.60 -5.18 2.38
CA SER B 165 -3.90 -5.57 1.16
C SER B 165 -3.67 -4.39 0.22
N PHE B 166 -4.47 -3.32 0.40
CA PHE B 166 -4.34 -2.11 -0.36
C PHE B 166 -3.15 -1.28 0.14
N TYR B 167 -2.57 -1.63 1.29
CA TYR B 167 -1.37 -0.98 1.80
C TYR B 167 -0.09 -1.77 1.49
N ARG B 168 -0.11 -2.68 0.50
CA ARG B 168 1.00 -3.58 0.30
C ARG B 168 1.18 -3.88 -1.19
N ASP B 169 2.43 -4.09 -1.61
CA ASP B 169 2.68 -4.64 -2.93
C ASP B 169 2.68 -6.16 -2.83
N GLN B 170 3.54 -6.68 -1.94
CA GLN B 170 3.69 -8.11 -1.72
C GLN B 170 2.81 -8.52 -0.55
N PRO B 171 2.05 -9.64 -0.68
CA PRO B 171 0.92 -9.90 0.20
C PRO B 171 1.34 -10.20 1.65
N HIS B 172 0.36 -10.17 2.55
CA HIS B 172 0.53 -10.51 3.94
C HIS B 172 1.16 -11.89 4.06
N PRO B 173 1.99 -12.18 5.10
CA PRO B 173 2.61 -13.51 5.25
C PRO B 173 1.65 -14.70 5.28
N PHE B 174 0.42 -14.49 5.75
CA PHE B 174 -0.47 -15.63 5.81
C PHE B 174 -0.90 -16.03 4.40
N ILE B 175 -1.08 -15.02 3.54
CA ILE B 175 -1.56 -15.17 2.19
C ILE B 175 -0.46 -15.82 1.34
N THR B 176 0.80 -15.45 1.60
CA THR B 176 1.90 -16.04 0.86
C THR B 176 1.85 -17.55 1.04
N SER B 177 1.77 -17.97 2.31
CA SER B 177 1.68 -19.38 2.69
C SER B 177 0.47 -20.08 2.09
N MET B 178 -0.71 -19.43 2.16
CA MET B 178 -1.95 -20.02 1.69
C MET B 178 -1.87 -20.27 0.18
N VAL B 179 -1.46 -19.23 -0.56
CA VAL B 179 -1.33 -19.32 -2.00
C VAL B 179 -0.35 -20.45 -2.32
N ARG B 180 0.79 -20.48 -1.60
CA ARG B 180 1.80 -21.47 -1.91
C ARG B 180 1.34 -22.86 -1.46
N ALA B 181 0.50 -22.94 -0.45
CA ALA B 181 -0.02 -24.26 -0.11
C ALA B 181 -0.98 -24.74 -1.20
N LEU B 182 -1.91 -23.87 -1.62
CA LEU B 182 -2.84 -24.16 -2.68
C LEU B 182 -2.12 -24.59 -3.97
N ASP B 183 -1.04 -23.88 -4.30
CA ASP B 183 -0.31 -24.14 -5.53
C ASP B 183 0.29 -25.56 -5.46
N GLU B 184 0.81 -25.91 -4.28
CA GLU B 184 1.44 -27.20 -4.06
C GLU B 184 0.38 -28.29 -4.21
N ALA B 185 -0.76 -28.08 -3.54
CA ALA B 185 -1.90 -28.98 -3.65
C ALA B 185 -2.21 -29.28 -5.11
N MET B 186 -2.22 -28.24 -5.95
CA MET B 186 -2.62 -28.44 -7.34
C MET B 186 -1.49 -29.08 -8.14
N ASN B 187 -0.23 -28.73 -7.80
CA ASN B 187 0.94 -29.30 -8.45
C ASN B 187 0.95 -30.83 -8.31
N LYS B 188 0.64 -31.32 -7.10
CA LYS B 188 0.70 -32.75 -6.82
C LYS B 188 -0.10 -33.55 -7.85
N LEU B 189 -1.23 -33.00 -8.29
CA LEU B 189 -2.18 -33.64 -9.19
C LEU B 189 -1.51 -34.20 -10.44
N GLN B 190 -0.38 -33.63 -10.87
CA GLN B 190 0.22 -34.10 -12.11
C GLN B 190 1.70 -34.43 -11.92
N ARG B 191 1.99 -35.17 -10.84
CA ARG B 191 3.26 -35.85 -10.71
C ARG B 191 3.02 -37.34 -10.94
N ALA B 192 3.91 -37.99 -11.70
CA ALA B 192 3.81 -39.43 -11.92
C ALA B 192 4.32 -40.21 -10.71
N ASN B 193 5.35 -39.71 -10.01
CA ASN B 193 5.80 -40.31 -8.75
C ASN B 193 6.33 -39.24 -7.79
N PRO B 194 5.50 -38.80 -6.82
CA PRO B 194 5.83 -37.70 -5.91
C PRO B 194 6.70 -38.13 -4.73
N ASP B 195 7.20 -39.37 -4.80
CA ASP B 195 8.13 -39.89 -3.82
C ASP B 195 9.53 -39.41 -4.15
N ASP B 196 9.73 -39.03 -5.43
CA ASP B 196 11.03 -38.57 -5.90
C ASP B 196 11.63 -37.60 -4.87
N PRO B 197 12.93 -37.74 -4.52
CA PRO B 197 13.62 -36.77 -3.67
C PRO B 197 13.64 -35.34 -4.23
N ALA B 198 13.35 -35.21 -5.53
CA ALA B 198 13.18 -33.92 -6.18
C ALA B 198 12.21 -33.07 -5.36
N TYR B 199 11.06 -33.66 -5.00
CA TYR B 199 9.96 -32.95 -4.36
C TYR B 199 10.11 -32.93 -2.84
N ASP B 200 11.33 -33.09 -2.34
CA ASP B 200 11.54 -33.11 -0.90
C ASP B 200 11.45 -31.68 -0.36
N GLU B 201 11.79 -30.70 -1.21
CA GLU B 201 11.79 -29.28 -0.88
C GLU B 201 10.36 -28.75 -0.79
N ASN B 202 9.55 -29.12 -1.79
CA ASN B 202 8.14 -28.78 -1.86
C ASN B 202 7.44 -29.30 -0.60
N LYS B 203 7.68 -30.59 -0.29
CA LYS B 203 7.22 -31.26 0.92
C LYS B 203 7.52 -30.41 2.15
N ARG B 204 8.78 -30.01 2.34
CA ARG B 204 9.17 -29.29 3.55
C ARG B 204 8.50 -27.93 3.59
N GLN B 205 8.44 -27.28 2.43
CA GLN B 205 7.86 -25.96 2.24
C GLN B 205 6.37 -26.00 2.59
N PHE B 206 5.71 -27.07 2.14
CA PHE B 206 4.31 -27.34 2.40
C PHE B 206 4.04 -27.35 3.90
N GLN B 207 4.89 -28.02 4.68
CA GLN B 207 4.64 -28.19 6.11
C GLN B 207 4.74 -26.86 6.82
N GLU B 208 5.67 -26.01 6.36
CA GLU B 208 5.97 -24.73 6.98
C GLU B 208 4.85 -23.73 6.70
N ASP B 209 4.30 -23.82 5.48
CA ASP B 209 3.16 -23.02 5.06
C ASP B 209 1.91 -23.39 5.88
N ILE B 210 1.72 -24.69 6.14
CA ILE B 210 0.66 -25.14 7.04
C ILE B 210 0.86 -24.49 8.41
N LYS B 211 2.11 -24.51 8.89
CA LYS B 211 2.44 -24.00 10.21
C LYS B 211 2.12 -22.51 10.31
N VAL B 212 2.48 -21.74 9.27
CA VAL B 212 2.20 -20.32 9.30
C VAL B 212 0.69 -20.09 9.48
N MET B 213 -0.11 -20.85 8.73
CA MET B 213 -1.54 -20.60 8.65
C MET B 213 -2.18 -20.88 10.01
N ASN B 214 -1.83 -22.04 10.58
CA ASN B 214 -2.38 -22.50 11.85
C ASN B 214 -2.11 -21.53 12.99
N ASP B 215 -0.88 -20.97 13.06
CA ASP B 215 -0.47 -20.18 14.21
C ASP B 215 -1.18 -18.82 14.24
N LEU B 216 -1.40 -18.22 13.06
CA LEU B 216 -2.08 -16.94 13.01
C LEU B 216 -3.54 -17.10 13.42
N VAL B 217 -4.20 -18.07 12.78
CA VAL B 217 -5.62 -18.35 13.01
C VAL B 217 -5.79 -18.87 14.44
N ASP B 218 -4.86 -19.72 14.89
CA ASP B 218 -5.01 -20.29 16.24
C ASP B 218 -4.87 -19.18 17.28
N LYS B 219 -4.01 -18.19 17.00
CA LYS B 219 -3.68 -17.11 17.91
C LYS B 219 -4.85 -16.12 18.00
N ILE B 220 -5.35 -15.73 16.83
CA ILE B 220 -6.57 -14.95 16.69
C ILE B 220 -7.73 -15.59 17.43
N ILE B 221 -7.85 -16.93 17.38
CA ILE B 221 -8.93 -17.61 18.11
C ILE B 221 -8.61 -17.53 19.61
N ALA B 222 -7.35 -17.79 19.93
CA ALA B 222 -6.87 -17.65 21.30
C ALA B 222 -7.11 -16.23 21.82
N ASP B 223 -6.71 -15.20 21.05
CA ASP B 223 -6.87 -13.82 21.51
C ASP B 223 -8.34 -13.46 21.70
N ARG B 224 -9.22 -13.97 20.83
CA ARG B 224 -10.63 -13.61 20.88
C ARG B 224 -11.31 -14.20 22.12
N LYS B 225 -10.93 -15.43 22.49
CA LYS B 225 -11.57 -16.10 23.61
C LYS B 225 -11.12 -15.45 24.92
N ALA B 226 -9.82 -15.11 24.99
CA ALA B 226 -9.21 -14.39 26.09
C ALA B 226 -9.96 -13.09 26.36
N SER B 227 -10.17 -12.28 25.31
CA SER B 227 -10.69 -10.93 25.47
C SER B 227 -12.18 -10.96 25.79
N GLY B 228 -12.87 -11.96 25.24
CA GLY B 228 -14.29 -12.10 25.43
C GLY B 228 -15.11 -11.07 24.67
N GLU B 229 -14.52 -10.38 23.68
CA GLU B 229 -15.25 -9.36 22.95
C GLU B 229 -16.15 -10.01 21.90
N GLN B 230 -17.39 -9.53 21.80
CA GLN B 230 -18.36 -10.00 20.82
C GLN B 230 -18.35 -9.03 19.64
N SER B 231 -17.84 -9.49 18.48
CA SER B 231 -17.93 -8.70 17.26
C SER B 231 -19.14 -9.18 16.47
N ASP B 232 -19.30 -8.70 15.23
CA ASP B 232 -20.31 -9.29 14.37
C ASP B 232 -19.63 -10.06 13.25
N ASP B 233 -18.72 -10.97 13.62
CA ASP B 233 -17.97 -11.73 12.63
C ASP B 233 -18.34 -13.21 12.73
N LEU B 234 -17.94 -13.99 11.72
CA LEU B 234 -18.16 -15.42 11.78
C LEU B 234 -17.55 -16.06 13.04
N LEU B 235 -16.43 -15.51 13.52
CA LEU B 235 -15.69 -16.08 14.63
C LEU B 235 -16.51 -16.05 15.91
N THR B 236 -17.07 -14.88 16.26
CA THR B 236 -17.99 -14.73 17.37
C THR B 236 -19.09 -15.78 17.28
N HIS B 237 -19.74 -15.84 16.11
CA HIS B 237 -20.83 -16.76 15.81
C HIS B 237 -20.38 -18.20 16.06
N MET B 238 -19.10 -18.49 15.79
CA MET B 238 -18.57 -19.84 15.94
C MET B 238 -18.22 -20.14 17.38
N LEU B 239 -17.81 -19.13 18.16
CA LEU B 239 -17.55 -19.39 19.57
C LEU B 239 -18.85 -19.45 20.37
N ASN B 240 -19.95 -18.90 19.84
CA ASN B 240 -21.19 -18.87 20.60
C ASN B 240 -22.10 -20.02 20.20
N GLY B 241 -22.03 -20.46 18.93
CA GLY B 241 -23.06 -21.30 18.36
C GLY B 241 -23.08 -22.73 18.92
N LYS B 242 -24.29 -23.30 19.00
CA LYS B 242 -24.49 -24.68 19.40
C LYS B 242 -25.33 -25.39 18.34
N ASP B 243 -24.84 -26.54 17.85
CA ASP B 243 -25.58 -27.33 16.88
C ASP B 243 -26.87 -27.78 17.55
N PRO B 244 -28.08 -27.50 17.00
CA PRO B 244 -29.33 -27.96 17.63
C PRO B 244 -29.41 -29.48 17.67
N GLU B 245 -28.87 -30.15 16.64
CA GLU B 245 -28.82 -31.60 16.61
C GLU B 245 -28.03 -32.14 17.80
N THR B 246 -26.69 -31.99 17.79
CA THR B 246 -25.86 -32.58 18.82
C THR B 246 -25.93 -31.80 20.15
N GLY B 247 -26.27 -30.51 20.08
CA GLY B 247 -26.24 -29.64 21.24
C GLY B 247 -24.81 -29.15 21.53
N GLU B 248 -23.83 -29.53 20.68
CA GLU B 248 -22.44 -29.20 20.92
C GLU B 248 -21.99 -28.01 20.06
N PRO B 249 -20.99 -27.21 20.52
CA PRO B 249 -20.38 -26.18 19.68
C PRO B 249 -19.24 -26.82 18.91
N LEU B 250 -18.73 -26.10 17.91
CA LEU B 250 -17.49 -26.46 17.25
C LEU B 250 -16.35 -26.33 18.24
N ASP B 251 -15.36 -27.22 18.17
CA ASP B 251 -14.13 -27.07 18.93
C ASP B 251 -13.17 -26.12 18.22
N ASP B 252 -12.11 -25.75 18.95
CA ASP B 252 -11.17 -24.72 18.51
C ASP B 252 -10.47 -25.17 17.24
N GLU B 253 -10.17 -26.45 17.13
CA GLU B 253 -9.44 -26.92 15.97
C GLU B 253 -10.34 -26.80 14.73
N ASN B 254 -11.57 -27.29 14.83
CA ASN B 254 -12.53 -27.15 13.74
C ASN B 254 -12.74 -25.68 13.33
N ILE B 255 -12.81 -24.76 14.29
CA ILE B 255 -13.04 -23.35 13.98
C ILE B 255 -11.93 -22.85 13.06
N ARG B 256 -10.69 -23.26 13.39
CA ARG B 256 -9.54 -22.86 12.60
C ARG B 256 -9.72 -23.33 11.14
N TYR B 257 -10.22 -24.55 10.95
CA TYR B 257 -10.38 -25.10 9.61
C TYR B 257 -11.43 -24.31 8.83
N GLN B 258 -12.53 -23.94 9.51
CA GLN B 258 -13.54 -23.10 8.88
C GLN B 258 -12.93 -21.76 8.41
N ILE B 259 -12.15 -21.11 9.29
CA ILE B 259 -11.58 -19.81 8.96
C ILE B 259 -10.66 -19.94 7.76
N ILE B 260 -9.75 -20.95 7.77
CA ILE B 260 -8.87 -21.20 6.65
C ILE B 260 -9.67 -21.40 5.36
N THR B 261 -10.72 -22.23 5.42
CA THR B 261 -11.63 -22.46 4.32
C THR B 261 -12.27 -21.17 3.78
N PHE B 262 -12.80 -20.35 4.69
CA PHE B 262 -13.38 -19.09 4.23
C PHE B 262 -12.31 -18.22 3.56
N LEU B 263 -11.06 -18.27 4.06
CA LEU B 263 -10.04 -17.41 3.47
C LEU B 263 -9.65 -17.94 2.11
N ILE B 264 -9.68 -19.26 1.93
CA ILE B 264 -9.43 -19.81 0.60
C ILE B 264 -10.50 -19.30 -0.37
N ALA B 265 -11.78 -19.50 0.00
CA ALA B 265 -12.88 -19.04 -0.85
C ALA B 265 -12.79 -17.54 -1.15
N GLY B 266 -12.58 -16.73 -0.10
CA GLY B 266 -12.54 -15.28 -0.26
C GLY B 266 -11.45 -14.84 -1.23
N HIS B 267 -10.32 -15.53 -1.19
CA HIS B 267 -9.18 -15.23 -2.03
C HIS B 267 -9.45 -15.61 -3.49
N GLU B 268 -10.00 -16.79 -3.72
CA GLU B 268 -9.89 -17.43 -5.03
C GLU B 268 -11.09 -17.11 -5.91
N THR B 269 -12.27 -17.33 -5.35
CA THR B 269 -13.43 -17.53 -6.18
C THR B 269 -14.13 -16.20 -6.43
N THR B 270 -14.32 -15.40 -5.38
CA THR B 270 -15.07 -14.17 -5.55
C THR B 270 -14.32 -13.20 -6.47
N SER B 271 -12.98 -13.20 -6.40
CA SER B 271 -12.27 -12.18 -7.14
C SER B 271 -12.26 -12.54 -8.63
N GLY B 272 -12.27 -13.85 -8.91
CA GLY B 272 -12.40 -14.31 -10.28
C GLY B 272 -13.76 -13.90 -10.87
N LEU B 273 -14.84 -14.16 -10.12
CA LEU B 273 -16.12 -13.64 -10.57
C LEU B 273 -15.99 -12.17 -11.02
N LEU B 274 -15.44 -11.31 -10.16
CA LEU B 274 -15.47 -9.86 -10.42
C LEU B 274 -14.60 -9.51 -11.62
N SER B 275 -13.47 -10.22 -11.78
CA SER B 275 -12.54 -9.98 -12.86
C SER B 275 -13.14 -10.35 -14.22
N PHE B 276 -13.86 -11.48 -14.26
CA PHE B 276 -14.52 -11.95 -15.48
C PHE B 276 -15.70 -11.03 -15.80
N ALA B 277 -16.43 -10.64 -14.75
CA ALA B 277 -17.53 -9.70 -14.99
C ALA B 277 -17.00 -8.45 -15.69
N LEU B 278 -15.92 -7.86 -15.16
CA LEU B 278 -15.47 -6.60 -15.73
C LEU B 278 -14.92 -6.81 -17.14
N TYR B 279 -14.29 -7.97 -17.37
CA TYR B 279 -13.79 -8.35 -18.69
C TYR B 279 -14.93 -8.39 -19.71
N PHE B 280 -15.98 -9.14 -19.40
CA PHE B 280 -17.17 -9.19 -20.25
C PHE B 280 -17.77 -7.80 -20.42
N LEU B 281 -17.90 -7.01 -19.36
CA LEU B 281 -18.42 -5.67 -19.57
C LEU B 281 -17.60 -4.85 -20.57
N VAL B 282 -16.25 -4.93 -20.52
CA VAL B 282 -15.49 -4.01 -21.35
C VAL B 282 -15.51 -4.50 -22.80
N LYS B 283 -15.82 -5.79 -23.00
CA LYS B 283 -15.83 -6.33 -24.35
C LYS B 283 -17.24 -6.28 -24.91
N ASN B 284 -18.20 -5.82 -24.11
CA ASN B 284 -19.59 -5.72 -24.52
C ASN B 284 -20.13 -4.35 -24.13
N PRO B 285 -19.69 -3.25 -24.79
CA PRO B 285 -20.01 -1.88 -24.38
C PRO B 285 -21.51 -1.60 -24.21
N HIS B 286 -22.37 -2.29 -25.00
CA HIS B 286 -23.81 -2.08 -24.84
C HIS B 286 -24.24 -2.57 -23.47
N VAL B 287 -23.59 -3.62 -22.99
CA VAL B 287 -24.07 -4.26 -21.76
C VAL B 287 -23.60 -3.40 -20.59
N LEU B 288 -22.41 -2.80 -20.77
CA LEU B 288 -21.72 -1.98 -19.77
C LEU B 288 -22.56 -0.72 -19.54
N GLN B 289 -23.02 -0.10 -20.62
CA GLN B 289 -23.87 1.09 -20.55
C GLN B 289 -25.13 0.81 -19.73
N LYS B 290 -25.76 -0.33 -19.97
CA LYS B 290 -26.96 -0.75 -19.26
C LYS B 290 -26.71 -0.93 -17.76
N ALA B 291 -25.62 -1.61 -17.42
CA ALA B 291 -25.26 -1.86 -16.03
C ALA B 291 -24.94 -0.54 -15.33
N ALA B 292 -24.22 0.36 -16.02
CA ALA B 292 -23.79 1.63 -15.48
C ALA B 292 -25.03 2.51 -15.24
N GLU B 293 -25.97 2.51 -16.19
CA GLU B 293 -27.19 3.30 -16.05
C GLU B 293 -27.89 2.86 -14.77
N GLU B 294 -28.00 1.54 -14.56
CA GLU B 294 -28.61 1.04 -13.35
C GLU B 294 -27.86 1.54 -12.11
N ALA B 295 -26.53 1.45 -12.16
CA ALA B 295 -25.75 1.75 -10.97
C ALA B 295 -25.96 3.22 -10.57
N ALA B 296 -25.85 4.07 -11.59
CA ALA B 296 -26.06 5.50 -11.50
C ALA B 296 -27.46 5.82 -10.94
N ARG B 297 -28.50 5.08 -11.36
CA ARG B 297 -29.86 5.39 -10.93
C ARG B 297 -30.11 4.88 -9.50
N VAL B 298 -29.50 3.75 -9.12
CA VAL B 298 -29.90 3.11 -7.87
C VAL B 298 -29.02 3.59 -6.72
N LEU B 299 -27.72 3.78 -6.98
CA LEU B 299 -26.76 4.10 -5.93
C LEU B 299 -26.65 5.61 -5.76
N VAL B 300 -27.75 6.22 -5.29
CA VAL B 300 -27.92 7.67 -5.17
C VAL B 300 -27.15 8.24 -3.97
N ASP B 301 -26.72 7.41 -3.01
CA ASP B 301 -26.04 7.88 -1.81
C ASP B 301 -24.51 7.69 -1.91
N PRO B 302 -23.68 8.50 -1.20
CA PRO B 302 -22.23 8.36 -1.23
C PRO B 302 -21.69 6.96 -0.87
N VAL B 303 -22.36 6.31 0.09
CA VAL B 303 -22.12 4.92 0.45
C VAL B 303 -23.40 4.13 0.22
N PRO B 304 -23.36 3.04 -0.58
CA PRO B 304 -24.56 2.23 -0.86
C PRO B 304 -25.09 1.55 0.38
N SER B 305 -26.42 1.42 0.46
CA SER B 305 -27.11 0.73 1.55
C SER B 305 -27.35 -0.74 1.16
N TYR B 306 -27.63 -1.58 2.17
CA TYR B 306 -28.06 -2.94 1.93
C TYR B 306 -29.20 -3.00 0.91
N LYS B 307 -30.25 -2.17 1.14
CA LYS B 307 -31.45 -2.18 0.32
C LYS B 307 -31.14 -1.82 -1.14
N GLN B 308 -30.31 -0.79 -1.35
CA GLN B 308 -29.92 -0.38 -2.70
C GLN B 308 -29.18 -1.50 -3.42
N VAL B 309 -28.34 -2.28 -2.72
CA VAL B 309 -27.59 -3.30 -3.45
C VAL B 309 -28.60 -4.30 -4.02
N LYS B 310 -29.58 -4.66 -3.18
CA LYS B 310 -30.65 -5.59 -3.55
C LYS B 310 -31.37 -5.14 -4.82
N GLN B 311 -31.39 -3.84 -5.10
CA GLN B 311 -32.08 -3.32 -6.27
C GLN B 311 -31.23 -3.40 -7.54
N LEU B 312 -29.96 -3.79 -7.44
CA LEU B 312 -29.10 -3.80 -8.61
C LEU B 312 -29.31 -5.06 -9.44
N LYS B 313 -30.55 -5.17 -9.96
CA LYS B 313 -31.00 -6.38 -10.62
C LYS B 313 -30.10 -6.75 -11.80
N TYR B 314 -29.87 -5.78 -12.69
CA TYR B 314 -29.16 -6.08 -13.93
C TYR B 314 -27.70 -6.37 -13.56
N VAL B 315 -27.22 -5.73 -12.48
CA VAL B 315 -25.85 -5.98 -12.04
C VAL B 315 -25.70 -7.46 -11.68
N GLY B 316 -26.67 -8.00 -10.92
CA GLY B 316 -26.79 -9.42 -10.61
C GLY B 316 -26.88 -10.31 -11.87
N MET B 317 -27.62 -9.84 -12.87
CA MET B 317 -27.70 -10.54 -14.16
C MET B 317 -26.33 -10.64 -14.82
N VAL B 318 -25.55 -9.56 -14.75
CA VAL B 318 -24.22 -9.55 -15.34
C VAL B 318 -23.36 -10.59 -14.61
N LEU B 319 -23.46 -10.58 -13.28
CA LEU B 319 -22.78 -11.52 -12.40
C LEU B 319 -23.14 -12.98 -12.70
N ASN B 320 -24.44 -13.25 -12.85
CA ASN B 320 -24.87 -14.60 -13.19
C ASN B 320 -24.35 -15.06 -14.55
N GLU B 321 -24.33 -14.11 -15.52
CA GLU B 321 -23.93 -14.46 -16.87
C GLU B 321 -22.42 -14.64 -16.94
N ALA B 322 -21.67 -13.95 -16.05
CA ALA B 322 -20.23 -14.15 -16.00
C ALA B 322 -19.93 -15.54 -15.44
N LEU B 323 -20.69 -15.91 -14.40
CA LEU B 323 -20.67 -17.26 -13.83
C LEU B 323 -21.04 -18.30 -14.89
N ARG B 324 -22.10 -18.04 -15.65
CA ARG B 324 -22.43 -19.03 -16.68
C ARG B 324 -21.22 -19.35 -17.54
N LEU B 325 -20.53 -18.33 -18.03
CA LEU B 325 -19.52 -18.58 -19.04
C LEU B 325 -18.21 -19.07 -18.44
N TRP B 326 -17.85 -18.51 -17.28
CA TRP B 326 -16.60 -18.89 -16.64
C TRP B 326 -16.78 -19.11 -15.13
N PRO B 327 -17.45 -20.21 -14.69
CA PRO B 327 -17.65 -20.45 -13.26
C PRO B 327 -16.29 -20.63 -12.58
N THR B 328 -15.99 -19.76 -11.60
CA THR B 328 -14.61 -19.68 -11.14
C THR B 328 -14.22 -20.91 -10.35
N ALA B 329 -15.21 -21.54 -9.71
CA ALA B 329 -14.99 -22.87 -9.19
C ALA B 329 -15.55 -23.87 -10.21
N PRO B 330 -14.74 -24.37 -11.15
CA PRO B 330 -15.27 -24.96 -12.39
C PRO B 330 -15.70 -26.43 -12.40
N ALA B 331 -15.59 -27.13 -11.25
CA ALA B 331 -15.79 -28.57 -11.20
C ALA B 331 -16.12 -29.01 -9.78
N PHE B 332 -16.98 -30.03 -9.67
CA PHE B 332 -17.17 -30.72 -8.41
C PHE B 332 -17.38 -32.21 -8.67
N SER B 333 -17.22 -32.99 -7.60
CA SER B 333 -17.09 -34.43 -7.75
C SER B 333 -18.17 -35.13 -6.93
N LEU B 334 -18.73 -36.20 -7.49
CA LEU B 334 -19.70 -37.01 -6.78
C LEU B 334 -19.29 -38.48 -6.87
N TYR B 335 -19.89 -39.30 -5.98
CA TYR B 335 -19.81 -40.75 -6.05
C TYR B 335 -21.21 -41.33 -5.89
N ALA B 336 -21.39 -42.49 -6.54
CA ALA B 336 -22.61 -43.28 -6.50
C ALA B 336 -22.71 -43.98 -5.13
N LYS B 337 -23.83 -43.71 -4.45
CA LYS B 337 -24.12 -44.26 -3.15
C LYS B 337 -24.47 -45.75 -3.24
N GLU B 338 -25.03 -46.19 -4.38
CA GLU B 338 -25.36 -47.58 -4.67
C GLU B 338 -25.18 -47.83 -6.17
N ASP B 339 -25.26 -49.10 -6.61
CA ASP B 339 -25.36 -49.46 -8.02
C ASP B 339 -26.53 -48.72 -8.65
N THR B 340 -26.30 -48.19 -9.86
CA THR B 340 -27.31 -47.35 -10.50
C THR B 340 -27.00 -47.22 -11.99
N VAL B 341 -28.00 -46.77 -12.76
CA VAL B 341 -27.78 -46.55 -14.19
C VAL B 341 -28.00 -45.09 -14.55
N LEU B 342 -26.92 -44.46 -15.06
CA LEU B 342 -26.96 -43.06 -15.43
C LEU B 342 -27.45 -42.93 -16.88
N GLY B 343 -28.53 -42.16 -17.04
CA GLY B 343 -29.11 -41.82 -18.32
C GLY B 343 -29.56 -43.05 -19.11
N GLY B 344 -30.07 -44.05 -18.39
CA GLY B 344 -30.54 -45.29 -18.99
C GLY B 344 -29.48 -46.01 -19.81
N GLU B 345 -28.21 -45.60 -19.69
CA GLU B 345 -27.21 -46.02 -20.67
C GLU B 345 -25.90 -46.46 -20.02
N TYR B 346 -25.59 -45.90 -18.85
CA TYR B 346 -24.28 -46.12 -18.25
C TYR B 346 -24.43 -46.69 -16.84
N PRO B 347 -24.20 -48.02 -16.67
CA PRO B 347 -24.33 -48.63 -15.35
C PRO B 347 -23.16 -48.16 -14.50
N LEU B 348 -23.44 -47.94 -13.21
CA LEU B 348 -22.41 -47.55 -12.26
C LEU B 348 -22.49 -48.47 -11.05
N GLU B 349 -21.30 -48.83 -10.55
CA GLU B 349 -21.21 -49.54 -9.27
C GLU B 349 -21.16 -48.51 -8.14
N LYS B 350 -21.81 -48.85 -7.01
CA LYS B 350 -21.63 -48.15 -5.75
C LYS B 350 -20.17 -47.73 -5.62
N GLY B 351 -19.92 -46.46 -5.31
CA GLY B 351 -18.56 -45.95 -5.20
C GLY B 351 -18.03 -45.25 -6.46
N ASP B 352 -18.55 -45.55 -7.65
CA ASP B 352 -18.06 -44.94 -8.89
C ASP B 352 -18.15 -43.42 -8.81
N GLU B 353 -17.08 -42.73 -9.24
CA GLU B 353 -17.11 -41.27 -9.15
C GLU B 353 -17.45 -40.60 -10.47
N LEU B 354 -18.11 -39.42 -10.34
CA LEU B 354 -18.42 -38.52 -11.44
C LEU B 354 -17.74 -37.18 -11.19
N MET B 355 -17.36 -36.49 -12.28
CA MET B 355 -16.92 -35.09 -12.26
C MET B 355 -17.92 -34.28 -13.08
N VAL B 356 -18.46 -33.19 -12.50
CA VAL B 356 -19.28 -32.27 -13.27
C VAL B 356 -18.42 -31.12 -13.81
N LEU B 357 -18.35 -30.99 -15.15
CA LEU B 357 -17.58 -29.93 -15.78
C LEU B 357 -18.48 -28.70 -15.94
N ILE B 358 -18.51 -27.83 -14.92
CA ILE B 358 -19.52 -26.77 -14.87
C ILE B 358 -19.50 -25.91 -16.15
N PRO B 359 -18.34 -25.50 -16.70
CA PRO B 359 -18.37 -24.63 -17.88
C PRO B 359 -19.09 -25.29 -19.06
N GLN B 360 -18.89 -26.61 -19.22
CA GLN B 360 -19.51 -27.38 -20.29
C GLN B 360 -21.02 -27.47 -20.11
N LEU B 361 -21.47 -27.78 -18.89
CA LEU B 361 -22.89 -27.76 -18.58
C LEU B 361 -23.50 -26.42 -19.00
N HIS B 362 -22.72 -25.35 -18.81
CA HIS B 362 -23.23 -24.00 -19.01
C HIS B 362 -23.24 -23.62 -20.50
N ARG B 363 -22.68 -24.49 -21.34
CA ARG B 363 -22.64 -24.30 -22.78
C ARG B 363 -23.53 -25.31 -23.52
N ASP B 364 -24.33 -26.08 -22.76
CA ASP B 364 -25.21 -27.09 -23.33
C ASP B 364 -26.27 -26.42 -24.22
N LYS B 365 -26.15 -26.61 -25.54
CA LYS B 365 -27.01 -25.89 -26.48
C LYS B 365 -28.48 -26.31 -26.32
N THR B 366 -28.70 -27.52 -25.82
CA THR B 366 -30.02 -28.05 -25.49
C THR B 366 -30.74 -27.10 -24.55
N ILE B 367 -29.98 -26.43 -23.68
CA ILE B 367 -30.62 -25.69 -22.60
C ILE B 367 -30.61 -24.20 -22.95
N TRP B 368 -29.44 -23.74 -23.38
CA TRP B 368 -29.18 -22.32 -23.49
C TRP B 368 -29.52 -21.78 -24.88
N GLY B 369 -29.43 -22.65 -25.91
CA GLY B 369 -29.63 -22.27 -27.30
C GLY B 369 -28.31 -22.32 -28.07
N ASP B 370 -28.28 -21.74 -29.27
CA ASP B 370 -27.09 -21.81 -30.10
C ASP B 370 -26.03 -20.81 -29.67
N ASP B 371 -26.47 -19.62 -29.27
CA ASP B 371 -25.60 -18.50 -28.97
C ASP B 371 -24.94 -18.67 -27.59
N VAL B 372 -24.32 -19.84 -27.35
CA VAL B 372 -23.94 -20.16 -25.98
C VAL B 372 -22.72 -19.33 -25.61
N GLU B 373 -21.99 -18.90 -26.65
CA GLU B 373 -20.68 -18.28 -26.47
C GLU B 373 -20.80 -16.77 -26.31
N GLU B 374 -22.03 -16.24 -26.35
CA GLU B 374 -22.25 -14.81 -26.34
C GLU B 374 -22.61 -14.35 -24.94
N PHE B 375 -22.11 -13.15 -24.57
CA PHE B 375 -22.36 -12.60 -23.25
C PHE B 375 -23.67 -11.82 -23.28
N ARG B 376 -24.71 -12.37 -22.64
CA ARG B 376 -26.06 -11.82 -22.70
C ARG B 376 -26.74 -11.95 -21.34
N PRO B 377 -26.64 -10.92 -20.48
CA PRO B 377 -27.19 -11.00 -19.13
C PRO B 377 -28.69 -11.27 -19.09
N GLU B 378 -29.35 -11.00 -20.22
CA GLU B 378 -30.79 -11.14 -20.40
C GLU B 378 -31.26 -12.56 -20.07
N ARG B 379 -30.39 -13.56 -20.34
CA ARG B 379 -30.77 -14.94 -20.11
C ARG B 379 -31.27 -15.09 -18.67
N PHE B 380 -30.88 -14.16 -17.79
CA PHE B 380 -31.17 -14.25 -16.37
C PHE B 380 -32.24 -13.24 -15.95
N GLU B 381 -33.00 -12.72 -16.93
CA GLU B 381 -34.09 -11.79 -16.63
C GLU B 381 -35.03 -12.43 -15.61
N ASN B 382 -35.55 -13.61 -15.95
CA ASN B 382 -36.44 -14.34 -15.06
C ASN B 382 -35.74 -15.59 -14.56
N PRO B 383 -35.37 -15.62 -13.27
CA PRO B 383 -34.45 -16.63 -12.73
C PRO B 383 -35.07 -18.02 -12.61
N SER B 384 -36.37 -18.08 -12.28
CA SER B 384 -37.11 -19.31 -12.10
C SER B 384 -37.65 -19.85 -13.45
N ALA B 385 -37.21 -19.24 -14.57
CA ALA B 385 -37.46 -19.77 -15.90
C ALA B 385 -36.35 -20.74 -16.31
N ILE B 386 -35.23 -20.78 -15.58
CA ILE B 386 -34.09 -21.60 -15.97
C ILE B 386 -34.34 -23.04 -15.52
N PRO B 387 -34.15 -24.05 -16.41
CA PRO B 387 -34.40 -25.45 -16.06
C PRO B 387 -33.57 -25.90 -14.85
N GLN B 388 -34.15 -26.87 -14.11
CA GLN B 388 -33.54 -27.44 -12.92
C GLN B 388 -32.18 -28.05 -13.32
N HIS B 389 -31.15 -27.73 -12.52
CA HIS B 389 -29.81 -28.27 -12.63
C HIS B 389 -29.12 -27.83 -13.92
N ALA B 390 -29.58 -26.74 -14.54
CA ALA B 390 -28.90 -26.29 -15.75
C ALA B 390 -27.75 -25.32 -15.45
N PHE B 391 -27.84 -24.60 -14.33
CA PHE B 391 -26.90 -23.55 -13.96
C PHE B 391 -26.38 -23.89 -12.58
N LYS B 392 -25.11 -24.35 -12.47
CA LYS B 392 -24.66 -24.77 -11.14
C LYS B 392 -23.27 -24.21 -10.78
N PRO B 393 -23.08 -22.86 -10.74
CA PRO B 393 -21.79 -22.30 -10.33
C PRO B 393 -21.52 -22.43 -8.82
N PHE B 394 -22.54 -22.74 -8.01
CA PHE B 394 -22.36 -22.88 -6.56
C PHE B 394 -22.53 -24.33 -6.15
N GLY B 395 -22.44 -25.26 -7.13
CA GLY B 395 -22.55 -26.69 -6.85
C GLY B 395 -23.98 -27.14 -6.58
N ASN B 396 -24.17 -28.10 -5.65
CA ASN B 396 -25.44 -28.80 -5.64
C ASN B 396 -25.86 -29.21 -4.23
N GLY B 397 -27.14 -28.96 -3.93
CA GLY B 397 -27.82 -29.62 -2.82
C GLY B 397 -27.24 -29.21 -1.48
N GLN B 398 -27.39 -30.08 -0.47
CA GLN B 398 -26.91 -29.74 0.87
C GLN B 398 -25.42 -29.35 0.84
N ARG B 399 -24.68 -29.81 -0.18
CA ARG B 399 -23.24 -29.58 -0.24
C ARG B 399 -22.96 -28.40 -1.19
N ALA B 400 -24.00 -27.58 -1.47
CA ALA B 400 -23.83 -26.33 -2.21
C ALA B 400 -22.96 -25.36 -1.39
N CYS B 401 -22.39 -24.35 -2.08
CA CYS B 401 -21.62 -23.25 -1.49
C CYS B 401 -22.40 -22.52 -0.40
N ILE B 402 -21.87 -22.49 0.83
CA ILE B 402 -22.56 -21.85 1.95
C ILE B 402 -22.42 -20.34 1.82
N GLY B 403 -21.36 -19.88 1.13
CA GLY B 403 -21.12 -18.45 1.02
C GLY B 403 -21.67 -17.80 -0.25
N GLN B 404 -22.55 -18.50 -0.99
CA GLN B 404 -23.23 -17.96 -2.17
C GLN B 404 -23.84 -16.58 -1.93
N GLN B 405 -24.61 -16.42 -0.84
CA GLN B 405 -25.26 -15.15 -0.58
C GLN B 405 -24.18 -14.10 -0.34
N PHE B 406 -23.14 -14.53 0.41
CA PHE B 406 -22.04 -13.65 0.80
C PHE B 406 -21.31 -13.15 -0.44
N ALA B 407 -20.89 -14.07 -1.32
CA ALA B 407 -20.19 -13.79 -2.57
C ALA B 407 -20.96 -12.85 -3.48
N LEU B 408 -22.25 -13.16 -3.69
CA LEU B 408 -23.09 -12.36 -4.56
C LEU B 408 -23.34 -10.97 -3.99
N HIS B 409 -23.52 -10.85 -2.66
CA HIS B 409 -23.73 -9.53 -2.08
C HIS B 409 -22.48 -8.67 -2.26
N GLU B 410 -21.30 -9.26 -2.03
CA GLU B 410 -20.05 -8.52 -2.16
C GLU B 410 -19.88 -8.05 -3.60
N ALA B 411 -19.94 -9.00 -4.55
CA ALA B 411 -19.72 -8.70 -5.97
C ALA B 411 -20.70 -7.65 -6.52
N THR B 412 -21.97 -7.76 -6.13
CA THR B 412 -22.97 -6.80 -6.60
C THR B 412 -22.62 -5.39 -6.10
N LEU B 413 -22.44 -5.25 -4.78
CA LEU B 413 -22.05 -3.98 -4.20
C LEU B 413 -20.80 -3.44 -4.91
N VAL B 414 -19.80 -4.31 -5.14
CA VAL B 414 -18.51 -3.83 -5.59
C VAL B 414 -18.58 -3.41 -7.06
N LEU B 415 -19.23 -4.22 -7.93
CA LEU B 415 -19.31 -3.87 -9.34
C LEU B 415 -20.25 -2.66 -9.51
N GLY B 416 -21.30 -2.65 -8.68
CA GLY B 416 -22.17 -1.47 -8.59
C GLY B 416 -21.38 -0.18 -8.35
N MET B 417 -20.53 -0.15 -7.30
CA MET B 417 -19.74 1.04 -7.00
C MET B 417 -18.76 1.34 -8.14
N MET B 418 -18.22 0.29 -8.75
CA MET B 418 -17.27 0.43 -9.83
C MET B 418 -17.92 1.11 -11.04
N LEU B 419 -19.14 0.66 -11.40
CA LEU B 419 -19.81 1.21 -12.57
C LEU B 419 -20.33 2.61 -12.28
N LYS B 420 -20.66 2.92 -11.02
CA LYS B 420 -21.09 4.27 -10.67
C LYS B 420 -19.94 5.26 -10.87
N HIS B 421 -18.71 4.84 -10.51
CA HIS B 421 -17.70 5.84 -10.19
C HIS B 421 -16.71 6.05 -11.33
N PHE B 422 -16.63 5.11 -12.28
CA PHE B 422 -15.65 5.18 -13.35
C PHE B 422 -16.23 4.71 -14.68
N ASP B 423 -15.74 5.31 -15.78
CA ASP B 423 -15.73 4.73 -17.12
C ASP B 423 -14.51 3.84 -17.27
N PHE B 424 -14.60 2.79 -18.08
CA PHE B 424 -13.50 1.86 -18.20
C PHE B 424 -13.09 1.73 -19.65
N GLU B 425 -11.78 1.59 -19.88
CA GLU B 425 -11.29 1.44 -21.21
C GLU B 425 -10.39 0.20 -21.24
N ASP B 426 -10.60 -0.67 -22.23
CA ASP B 426 -9.76 -1.83 -22.50
C ASP B 426 -8.65 -1.36 -23.45
N HIS B 427 -7.70 -0.61 -22.87
CA HIS B 427 -6.75 0.14 -23.67
C HIS B 427 -5.73 -0.77 -24.33
N THR B 428 -5.63 -2.03 -23.90
CA THR B 428 -4.64 -2.90 -24.55
C THR B 428 -5.33 -3.84 -25.53
N ASN B 429 -6.67 -3.71 -25.68
CA ASN B 429 -7.43 -4.70 -26.42
C ASN B 429 -7.08 -6.09 -25.91
N TYR B 430 -7.33 -6.33 -24.60
CA TYR B 430 -6.80 -7.49 -23.90
C TYR B 430 -7.34 -8.80 -24.47
N GLU B 431 -6.43 -9.77 -24.67
CA GLU B 431 -6.77 -11.12 -25.08
C GLU B 431 -6.91 -12.03 -23.86
N LEU B 432 -8.08 -12.66 -23.72
CA LEU B 432 -8.43 -13.45 -22.55
C LEU B 432 -7.42 -14.58 -22.38
N ASP B 433 -6.83 -14.67 -21.18
CA ASP B 433 -5.84 -15.68 -20.80
C ASP B 433 -6.23 -16.23 -19.42
N ILE B 434 -6.76 -17.44 -19.37
CA ILE B 434 -7.36 -17.89 -18.13
C ILE B 434 -6.34 -18.70 -17.34
N LYS B 435 -6.00 -18.21 -16.15
CA LYS B 435 -5.04 -18.90 -15.31
C LYS B 435 -5.81 -19.80 -14.37
N GLU B 436 -5.29 -21.02 -14.18
CA GLU B 436 -5.93 -22.03 -13.34
C GLU B 436 -5.08 -22.31 -12.10
N THR B 437 -5.73 -22.17 -10.94
CA THR B 437 -5.20 -22.54 -9.63
C THR B 437 -6.19 -23.55 -9.04
N LEU B 438 -6.69 -23.28 -7.85
CA LEU B 438 -7.93 -23.92 -7.45
C LEU B 438 -9.01 -23.43 -8.42
N THR B 439 -8.88 -22.19 -8.88
CA THR B 439 -9.95 -21.48 -9.55
C THR B 439 -9.48 -20.91 -10.89
N LEU B 440 -10.40 -20.23 -11.58
CA LEU B 440 -10.13 -19.64 -12.88
C LEU B 440 -10.10 -18.12 -12.70
N LYS B 441 -9.08 -17.48 -13.29
CA LYS B 441 -9.00 -16.03 -13.29
C LYS B 441 -8.38 -15.53 -14.60
N PRO B 442 -8.81 -14.35 -15.10
CA PRO B 442 -8.24 -13.79 -16.33
C PRO B 442 -6.85 -13.21 -16.09
N GLU B 443 -5.79 -13.93 -16.46
CA GLU B 443 -4.47 -13.45 -16.06
C GLU B 443 -4.03 -12.30 -16.95
N GLY B 444 -3.44 -11.26 -16.34
CA GLY B 444 -2.88 -10.14 -17.10
C GLY B 444 -3.91 -9.10 -17.51
N PHE B 445 -5.17 -9.28 -17.09
CA PHE B 445 -6.23 -8.37 -17.51
C PHE B 445 -5.99 -7.00 -16.89
N VAL B 446 -5.77 -6.00 -17.75
CA VAL B 446 -5.64 -4.62 -17.31
C VAL B 446 -6.68 -3.73 -17.99
N VAL B 447 -7.10 -2.66 -17.28
CA VAL B 447 -7.91 -1.59 -17.84
C VAL B 447 -7.41 -0.21 -17.41
N LYS B 448 -8.00 0.83 -18.00
CA LYS B 448 -7.85 2.17 -17.48
C LYS B 448 -9.23 2.63 -17.02
N ALA B 449 -9.28 3.33 -15.89
CA ALA B 449 -10.52 3.88 -15.39
C ALA B 449 -10.49 5.40 -15.53
N LYS B 450 -11.63 6.00 -15.88
CA LYS B 450 -11.70 7.44 -15.90
C LYS B 450 -12.78 7.85 -14.90
N SER B 451 -12.35 8.58 -13.87
CA SER B 451 -13.26 8.97 -12.81
C SER B 451 -14.39 9.83 -13.38
N LYS B 452 -15.62 9.55 -12.94
CA LYS B 452 -16.74 10.44 -13.21
C LYS B 452 -16.84 11.46 -12.08
N LYS B 453 -15.78 11.55 -11.26
CA LYS B 453 -15.62 12.55 -10.20
C LYS B 453 -16.91 12.66 -9.38
N ILE B 454 -17.36 11.55 -8.81
CA ILE B 454 -18.53 11.58 -7.93
C ILE B 454 -18.04 11.32 -6.51
N PRO B 455 -18.33 12.19 -5.52
CA PRO B 455 -17.73 12.08 -4.18
C PRO B 455 -18.24 10.82 -3.48
N LEU B 456 -17.39 10.25 -2.59
CA LEU B 456 -17.86 9.19 -1.71
C LEU B 456 -18.38 9.79 -0.39
#